data_422D
# 
_entry.id   422D 
# 
_audit_conform.dict_name       mmcif_pdbx.dic 
_audit_conform.dict_version    5.389 
_audit_conform.dict_location   http://mmcif.pdb.org/dictionaries/ascii/mmcif_pdbx.dic 
# 
loop_
_database_2.database_id 
_database_2.database_code 
_database_2.pdbx_database_accession 
_database_2.pdbx_DOI 
PDB   422D         pdb_0000422d 10.2210/pdb422d/pdb 
NDB   AR0007       ?            ?                   
RCSB  RCSB001327   ?            ?                   
WWPDB D_1000001327 ?            ?                   
# 
loop_
_pdbx_audit_revision_history.ordinal 
_pdbx_audit_revision_history.data_content_type 
_pdbx_audit_revision_history.major_revision 
_pdbx_audit_revision_history.minor_revision 
_pdbx_audit_revision_history.revision_date 
1 'Structure model' 1 0 2003-06-03 
2 'Structure model' 1 1 2008-04-26 
3 'Structure model' 1 2 2011-07-13 
4 'Structure model' 1 3 2023-12-27 
5 'Structure model' 1 4 2024-04-03 
# 
_pdbx_audit_revision_details.ordinal             1 
_pdbx_audit_revision_details.revision_ordinal    1 
_pdbx_audit_revision_details.data_content_type   'Structure model' 
_pdbx_audit_revision_details.provider            repository 
_pdbx_audit_revision_details.type                'Initial release' 
_pdbx_audit_revision_details.description         ? 
_pdbx_audit_revision_details.details             ? 
# 
loop_
_pdbx_audit_revision_group.ordinal 
_pdbx_audit_revision_group.revision_ordinal 
_pdbx_audit_revision_group.data_content_type 
_pdbx_audit_revision_group.group 
1 2 'Structure model' 'Version format compliance' 
2 3 'Structure model' 'Version format compliance' 
3 4 'Structure model' 'Data collection'           
4 4 'Structure model' 'Database references'       
5 5 'Structure model' 'Refinement description'    
# 
loop_
_pdbx_audit_revision_category.ordinal 
_pdbx_audit_revision_category.revision_ordinal 
_pdbx_audit_revision_category.data_content_type 
_pdbx_audit_revision_category.category 
1 4 'Structure model' chem_comp_atom                
2 4 'Structure model' chem_comp_bond                
3 4 'Structure model' database_2                    
4 5 'Structure model' pdbx_initial_refinement_model 
# 
loop_
_pdbx_audit_revision_item.ordinal 
_pdbx_audit_revision_item.revision_ordinal 
_pdbx_audit_revision_item.data_content_type 
_pdbx_audit_revision_item.item 
1 4 'Structure model' '_database_2.pdbx_DOI'                
2 4 'Structure model' '_database_2.pdbx_database_accession' 
# 
_pdbx_database_status.status_code                     REL 
_pdbx_database_status.entry_id                        422D 
_pdbx_database_status.recvd_initial_deposition_date   1998-09-10 
_pdbx_database_status.deposit_site                    NDB 
_pdbx_database_status.process_site                    NDB 
_pdbx_database_status.status_code_sf                  REL 
_pdbx_database_status.SG_entry                        . 
_pdbx_database_status.status_code_mr                  ? 
_pdbx_database_status.pdb_format_compatible           Y 
_pdbx_database_status.status_code_cs                  ? 
_pdbx_database_status.status_code_nmr_data            ? 
_pdbx_database_status.methods_development_category    ? 
# 
loop_
_audit_author.name 
_audit_author.pdbx_ordinal 
'Eswaramoorthy, S.' 1 
'Rao, S.T.'         2 
'Sundaralingam, M.' 3 
# 
_citation.id                        primary 
_citation.title                     
;Structure of the dodecamer r(GAUCACUUCGGU) with four 5'-overhang nucleotides.
;
_citation.journal_abbrev            'Acta Crystallogr.,Sect.D' 
_citation.journal_volume            60 
_citation.page_first                8 
_citation.page_last                 12 
_citation.year                      2004 
_citation.journal_id_ASTM           ABCRE6 
_citation.country                   DK 
_citation.journal_id_ISSN           0907-4449 
_citation.journal_id_CSD            0766 
_citation.book_publisher            ? 
_citation.pdbx_database_id_PubMed   14684886 
_citation.pdbx_database_id_DOI      10.1107/S0907444903027860 
# 
loop_
_citation_author.citation_id 
_citation_author.name 
_citation_author.ordinal 
_citation_author.identifier_ORCID 
primary 'Eswaramoorthy, S.' 1 ? 
primary 'Rao, S.T.'         2 ? 
primary 'Pan, B.'           3 ? 
primary 'Sundaralingam, M.' 4 ? 
# 
loop_
_entity.id 
_entity.type 
_entity.src_method 
_entity.pdbx_description 
_entity.formula_weight 
_entity.pdbx_number_of_molecules 
_entity.pdbx_ec 
_entity.pdbx_mutation 
_entity.pdbx_fragment 
_entity.details 
1 polymer man "5'-R(*GP*AP*UP*CP*AP*CP*UP*UP*CP*GP*GP*U)-3'" 3789.280 2  ? ? ? ? 
2 water   nat water                                          18.015   27 ? ? ? ? 
# 
_entity_poly.entity_id                      1 
_entity_poly.type                           polyribonucleotide 
_entity_poly.nstd_linkage                   no 
_entity_poly.nstd_monomer                   no 
_entity_poly.pdbx_seq_one_letter_code       GAUCACUUCGGU 
_entity_poly.pdbx_seq_one_letter_code_can   GAUCACUUCGGU 
_entity_poly.pdbx_strand_id                 A,B 
_entity_poly.pdbx_target_identifier         ? 
# 
_pdbx_entity_nonpoly.entity_id   2 
_pdbx_entity_nonpoly.name        water 
_pdbx_entity_nonpoly.comp_id     HOH 
# 
loop_
_entity_poly_seq.entity_id 
_entity_poly_seq.num 
_entity_poly_seq.mon_id 
_entity_poly_seq.hetero 
1 1  G n 
1 2  A n 
1 3  U n 
1 4  C n 
1 5  A n 
1 6  C n 
1 7  U n 
1 8  U n 
1 9  C n 
1 10 G n 
1 11 G n 
1 12 U n 
# 
loop_
_chem_comp.id 
_chem_comp.type 
_chem_comp.mon_nstd_flag 
_chem_comp.name 
_chem_comp.pdbx_synonyms 
_chem_comp.formula 
_chem_comp.formula_weight 
A   'RNA linking' y "ADENOSINE-5'-MONOPHOSPHATE" ? 'C10 H14 N5 O7 P' 347.221 
C   'RNA linking' y "CYTIDINE-5'-MONOPHOSPHATE"  ? 'C9 H14 N3 O8 P'  323.197 
G   'RNA linking' y "GUANOSINE-5'-MONOPHOSPHATE" ? 'C10 H14 N5 O8 P' 363.221 
HOH non-polymer   . WATER                        ? 'H2 O'            18.015  
U   'RNA linking' y "URIDINE-5'-MONOPHOSPHATE"   ? 'C9 H13 N2 O9 P'  324.181 
# 
loop_
_pdbx_poly_seq_scheme.asym_id 
_pdbx_poly_seq_scheme.entity_id 
_pdbx_poly_seq_scheme.seq_id 
_pdbx_poly_seq_scheme.mon_id 
_pdbx_poly_seq_scheme.ndb_seq_num 
_pdbx_poly_seq_scheme.pdb_seq_num 
_pdbx_poly_seq_scheme.auth_seq_num 
_pdbx_poly_seq_scheme.pdb_mon_id 
_pdbx_poly_seq_scheme.auth_mon_id 
_pdbx_poly_seq_scheme.pdb_strand_id 
_pdbx_poly_seq_scheme.pdb_ins_code 
_pdbx_poly_seq_scheme.hetero 
A 1 1  G 1  1  1  G G A . n 
A 1 2  A 2  2  2  A A A . n 
A 1 3  U 3  3  3  U U A . n 
A 1 4  C 4  4  4  C C A . n 
A 1 5  A 5  5  5  A A A . n 
A 1 6  C 6  6  6  C C A . n 
A 1 7  U 7  7  7  U U A . n 
A 1 8  U 8  8  8  U U A . n 
A 1 9  C 9  9  9  C C A . n 
A 1 10 G 10 10 10 G G A . n 
A 1 11 G 11 11 11 G G A . n 
A 1 12 U 12 12 12 U U A . n 
B 1 1  G 1  13 13 G G B . n 
B 1 2  A 2  14 14 A A B . n 
B 1 3  U 3  15 15 U U B . n 
B 1 4  C 4  16 16 C C B . n 
B 1 5  A 5  17 17 A A B . n 
B 1 6  C 6  18 18 C C B . n 
B 1 7  U 7  19 19 U U B . n 
B 1 8  U 8  20 20 U U B . n 
B 1 9  C 9  21 21 C C B . n 
B 1 10 G 10 22 22 G G B . n 
B 1 11 G 11 23 23 G G B . n 
B 1 12 U 12 24 24 U U B . n 
# 
loop_
_pdbx_nonpoly_scheme.asym_id 
_pdbx_nonpoly_scheme.entity_id 
_pdbx_nonpoly_scheme.mon_id 
_pdbx_nonpoly_scheme.ndb_seq_num 
_pdbx_nonpoly_scheme.pdb_seq_num 
_pdbx_nonpoly_scheme.auth_seq_num 
_pdbx_nonpoly_scheme.pdb_mon_id 
_pdbx_nonpoly_scheme.auth_mon_id 
_pdbx_nonpoly_scheme.pdb_strand_id 
_pdbx_nonpoly_scheme.pdb_ins_code 
C 2 HOH 1  25 25 HOH HOH A . 
C 2 HOH 2  26 26 HOH HOH A . 
C 2 HOH 3  27 27 HOH HOH A . 
C 2 HOH 4  29 29 HOH HOH A . 
C 2 HOH 5  30 30 HOH HOH A . 
C 2 HOH 6  36 36 HOH HOH A . 
C 2 HOH 7  41 41 HOH HOH A . 
C 2 HOH 8  42 42 HOH HOH A . 
C 2 HOH 9  44 44 HOH HOH A . 
C 2 HOH 10 45 45 HOH HOH A . 
C 2 HOH 11 47 47 HOH HOH A . 
C 2 HOH 12 49 49 HOH HOH A . 
D 2 HOH 1  28 28 HOH HOH B . 
D 2 HOH 2  31 31 HOH HOH B . 
D 2 HOH 3  32 32 HOH HOH B . 
D 2 HOH 4  33 33 HOH HOH B . 
D 2 HOH 5  34 34 HOH HOH B . 
D 2 HOH 6  35 35 HOH HOH B . 
D 2 HOH 7  37 37 HOH HOH B . 
D 2 HOH 8  38 38 HOH HOH B . 
D 2 HOH 9  39 39 HOH HOH B . 
D 2 HOH 10 40 40 HOH HOH B . 
D 2 HOH 11 43 43 HOH HOH B . 
D 2 HOH 12 46 46 HOH HOH B . 
D 2 HOH 13 48 48 HOH HOH B . 
D 2 HOH 14 50 50 HOH HOH B . 
D 2 HOH 15 51 51 HOH HOH B . 
# 
loop_
_software.name 
_software.classification 
_software.version 
_software.citation_id 
_software.pdbx_ordinal 
DENZO     'data reduction' .   ? 1 
X-PLOR    'model building' .   ? 2 
X-PLOR    refinement       3.1 ? 3 
SCALEPACK 'data scaling'   .   ? 4 
X-PLOR    phasing          .   ? 5 
# 
_cell.entry_id           422D 
_cell.length_a           71.34 
_cell.length_b           39.98 
_cell.length_c           32.47 
_cell.angle_alpha        90.00 
_cell.angle_beta         104.7 
_cell.angle_gamma        90.00 
_cell.Z_PDB              8 
_cell.pdbx_unique_axis   ? 
# 
_symmetry.entry_id                         422D 
_symmetry.space_group_name_H-M             'C 1 2 1' 
_symmetry.pdbx_full_space_group_name_H-M   ? 
_symmetry.cell_setting                     monoclinic 
_symmetry.Int_Tables_number                5 
# 
_exptl.entry_id          422D 
_exptl.method            'X-RAY DIFFRACTION' 
_exptl.crystals_number   1 
# 
_exptl_crystal.id                    1 
_exptl_crystal.density_meas          ? 
_exptl_crystal.density_percent_sol   59.2 
_exptl_crystal.density_Matthews      3.04 
_exptl_crystal.description           ? 
# 
_exptl_crystal_grow.crystal_id      1 
_exptl_crystal_grow.method          'VAPOR DIFFUSION, HANGING DROP' 
_exptl_crystal_grow.temp            293.0 
_exptl_crystal_grow.temp_details    ? 
_exptl_crystal_grow.pH              7.0 
_exptl_crystal_grow.pdbx_details    'pH 7.0, VAPOR DIFFUSION, HANGING DROP, temperature 293.0K' 
_exptl_crystal_grow.pdbx_pH_range   . 
# 
_diffrn.id                     1 
_diffrn.ambient_temp           290 
_diffrn.ambient_temp_details   ? 
_diffrn.crystal_id             1 
# 
_diffrn_detector.diffrn_id              1 
_diffrn_detector.detector               'IMAGE PLATE' 
_diffrn_detector.type                   ? 
_diffrn_detector.pdbx_collection_date   ? 
_diffrn_detector.details                ? 
# 
_diffrn_radiation.diffrn_id                        1 
_diffrn_radiation.wavelength_id                    1 
_diffrn_radiation.pdbx_monochromatic_or_laue_m_l   M 
_diffrn_radiation.monochromator                    GRAPHITE 
_diffrn_radiation.pdbx_diffrn_protocol             'SINGLE WAVELENGTH' 
_diffrn_radiation.pdbx_scattering_type             x-ray 
# 
_diffrn_radiation_wavelength.id           1 
_diffrn_radiation_wavelength.wavelength   . 
_diffrn_radiation_wavelength.wt           1.0 
# 
_diffrn_source.diffrn_id                   1 
_diffrn_source.source                      'ROTATING ANODE' 
_diffrn_source.type                        'RIGAKU RU200' 
_diffrn_source.pdbx_synchrotron_site       ? 
_diffrn_source.pdbx_synchrotron_beamline   ? 
_diffrn_source.pdbx_wavelength             ? 
_diffrn_source.pdbx_wavelength_list        ? 
# 
_reflns.entry_id                     422D 
_reflns.observed_criterion_sigma_I   ? 
_reflns.observed_criterion_sigma_F   2.0 
_reflns.d_resolution_low             10.0 
_reflns.d_resolution_high            2.60 
_reflns.number_obs                   2494 
_reflns.number_all                   2742 
_reflns.percent_possible_obs         91.0 
_reflns.pdbx_Rmerge_I_obs            0.045 
_reflns.pdbx_Rsym_value              ? 
_reflns.pdbx_netI_over_sigmaI        ? 
_reflns.B_iso_Wilson_estimate        ? 
_reflns.pdbx_redundancy              2.6 
_reflns.R_free_details               ? 
_reflns.pdbx_diffrn_id               1 
_reflns.pdbx_ordinal                 1 
# 
_reflns_shell.d_res_high             2.60 
_reflns_shell.d_res_low              2.76 
_reflns_shell.percent_possible_all   71.0 
_reflns_shell.Rmerge_I_obs           ? 
_reflns_shell.pdbx_Rsym_value        ? 
_reflns_shell.meanI_over_sigI_obs    2.1 
_reflns_shell.pdbx_redundancy        ? 
_reflns_shell.percent_possible_obs   ? 
_reflns_shell.number_unique_all      ? 
_reflns_shell.pdbx_diffrn_id         ? 
_reflns_shell.pdbx_ordinal           1 
# 
_refine.entry_id                                 422D 
_refine.ls_number_reflns_obs                     2494 
_refine.ls_number_reflns_all                     2742 
_refine.pdbx_ls_sigma_I                          ? 
_refine.pdbx_ls_sigma_F                          2.0 
_refine.pdbx_data_cutoff_high_absF               ? 
_refine.pdbx_data_cutoff_low_absF                ? 
_refine.pdbx_data_cutoff_high_rms_absF           ? 
_refine.ls_d_res_low                             10.0 
_refine.ls_d_res_high                            2.60 
_refine.ls_percent_reflns_obs                    91.0 
_refine.ls_R_factor_obs                          ? 
_refine.ls_R_factor_all                          0.188 
_refine.ls_R_factor_R_work                       0.188 
_refine.ls_R_factor_R_free                       0.188 
_refine.ls_R_factor_R_free_error                 0.018 
_refine.ls_R_factor_R_free_error_details         ? 
_refine.ls_percent_reflns_R_free                 6.0 
_refine.ls_number_reflns_R_free                  163 
_refine.ls_number_parameters                     ? 
_refine.ls_number_restraints                     ? 
_refine.occupancy_min                            ? 
_refine.occupancy_max                            ? 
_refine.B_iso_mean                               10.6 
_refine.aniso_B[1][1]                            ? 
_refine.aniso_B[2][2]                            ? 
_refine.aniso_B[3][3]                            ? 
_refine.aniso_B[1][2]                            ? 
_refine.aniso_B[1][3]                            ? 
_refine.aniso_B[2][3]                            ? 
_refine.solvent_model_details                    ? 
_refine.solvent_model_param_ksol                 ? 
_refine.solvent_model_param_bsol                 ? 
_refine.pdbx_ls_cross_valid_method               THROUGHOUT 
_refine.details                                  ? 
_refine.pdbx_starting_model                      'OCTAMER SEGMENT FROM 14-MER AUAUAUAUAUAUAU' 
_refine.pdbx_method_to_determine_struct          'MOLECULAR REPLACEMENT' 
_refine.pdbx_isotropic_thermal_model             ? 
_refine.pdbx_stereochemistry_target_values       ? 
_refine.pdbx_stereochem_target_val_spec_case     ? 
_refine.pdbx_R_Free_selection_details            RANDOM 
_refine.pdbx_overall_ESU_R                       ? 
_refine.pdbx_overall_ESU_R_Free                  ? 
_refine.overall_SU_ML                            ? 
_refine.overall_SU_B                             ? 
_refine.ls_redundancy_reflns_obs                 ? 
_refine.correlation_coeff_Fo_to_Fc               ? 
_refine.correlation_coeff_Fo_to_Fc_free          ? 
_refine.pdbx_solvent_vdw_probe_radii             ? 
_refine.pdbx_solvent_ion_probe_radii             ? 
_refine.pdbx_solvent_shrinkage_radii             ? 
_refine.overall_SU_R_Cruickshank_DPI             ? 
_refine.overall_SU_R_free                        ? 
_refine.pdbx_refine_id                           'X-RAY DIFFRACTION' 
_refine.pdbx_diffrn_id                           1 
_refine.pdbx_TLS_residual_ADP_flag               ? 
_refine.pdbx_overall_phase_error                 ? 
_refine.pdbx_overall_SU_R_free_Cruickshank_DPI   ? 
_refine.pdbx_overall_SU_R_Blow_DPI               ? 
_refine.pdbx_overall_SU_R_free_Blow_DPI          ? 
# 
_refine_analyze.entry_id                        422D 
_refine_analyze.Luzzati_coordinate_error_obs    0.25 
_refine_analyze.Luzzati_sigma_a_obs             0.30 
_refine_analyze.Luzzati_d_res_low_obs           5.0 
_refine_analyze.Luzzati_coordinate_error_free   0.28 
_refine_analyze.Luzzati_sigma_a_free            0.43 
_refine_analyze.Luzzati_d_res_low_free          ? 
_refine_analyze.number_disordered_residues      ? 
_refine_analyze.occupancy_sum_hydrogen          ? 
_refine_analyze.occupancy_sum_non_hydrogen      ? 
_refine_analyze.pdbx_refine_id                  'X-RAY DIFFRACTION' 
# 
_refine_hist.pdbx_refine_id                   'X-RAY DIFFRACTION' 
_refine_hist.cycle_id                         LAST 
_refine_hist.pdbx_number_atoms_protein        0 
_refine_hist.pdbx_number_atoms_nucleic_acid   500 
_refine_hist.pdbx_number_atoms_ligand         0 
_refine_hist.number_atoms_solvent             27 
_refine_hist.number_atoms_total               527 
_refine_hist.d_res_high                       2.60 
_refine_hist.d_res_low                        10.0 
# 
loop_
_refine_ls_restr.type 
_refine_ls_restr.dev_ideal 
_refine_ls_restr.dev_ideal_target 
_refine_ls_restr.weight 
_refine_ls_restr.number 
_refine_ls_restr.pdbx_refine_id 
_refine_ls_restr.pdbx_restraint_function 
x_bond_d                0.01 ?    ? ? 'X-RAY DIFFRACTION' ? 
x_bond_d_na             ?    ?    ? ? 'X-RAY DIFFRACTION' ? 
x_bond_d_prot           ?    ?    ? ? 'X-RAY DIFFRACTION' ? 
x_angle_d               ?    ?    ? ? 'X-RAY DIFFRACTION' ? 
x_angle_d_na            ?    ?    ? ? 'X-RAY DIFFRACTION' ? 
x_angle_d_prot          ?    ?    ? ? 'X-RAY DIFFRACTION' ? 
x_angle_deg             1.22 ?    ? ? 'X-RAY DIFFRACTION' ? 
x_angle_deg_na          ?    ?    ? ? 'X-RAY DIFFRACTION' ? 
x_angle_deg_prot        ?    ?    ? ? 'X-RAY DIFFRACTION' ? 
x_dihedral_angle_d      7.4  ?    ? ? 'X-RAY DIFFRACTION' ? 
x_dihedral_angle_d_na   ?    ?    ? ? 'X-RAY DIFFRACTION' ? 
x_dihedral_angle_d_prot ?    ?    ? ? 'X-RAY DIFFRACTION' ? 
x_improper_angle_d      1.57 ?    ? ? 'X-RAY DIFFRACTION' ? 
x_improper_angle_d_na   ?    ?    ? ? 'X-RAY DIFFRACTION' ? 
x_improper_angle_d_prot ?    ?    ? ? 'X-RAY DIFFRACTION' ? 
x_mcbond_it             2.32 1.50 ? ? 'X-RAY DIFFRACTION' ? 
x_mcangle_it            3.36 2.00 ? ? 'X-RAY DIFFRACTION' ? 
x_scbond_it             ?    ?    ? ? 'X-RAY DIFFRACTION' ? 
x_scangle_it            ?    ?    ? ? 'X-RAY DIFFRACTION' ? 
# 
_refine_ls_shell.pdbx_total_number_of_bins_used   6 
_refine_ls_shell.d_res_high                       2.60 
_refine_ls_shell.d_res_low                        2.76 
_refine_ls_shell.number_reflns_R_work             339 
_refine_ls_shell.R_factor_R_work                  0.324 
_refine_ls_shell.percent_reflns_obs               80.0 
_refine_ls_shell.R_factor_R_free                  ? 
_refine_ls_shell.R_factor_R_free_error            0.123 
_refine_ls_shell.percent_reflns_R_free            4.80 
_refine_ls_shell.number_reflns_R_free             17 
_refine_ls_shell.redundancy_reflns_obs            ? 
_refine_ls_shell.pdbx_refine_id                   'X-RAY DIFFRACTION' 
_refine_ls_shell.number_reflns_all                ? 
_refine_ls_shell.R_factor_all                     ? 
# 
_struct.entry_id                  422D 
_struct.title                     "5'-R(*GP*AP*UP*CP*AP*CP*UP*UP*CP*GP*GP*U)-3'" 
_struct.pdbx_model_details        ? 
_struct.pdbx_CASP_flag            ? 
_struct.pdbx_model_type_details   ? 
# 
_struct_keywords.entry_id        422D 
_struct_keywords.pdbx_keywords   RNA 
_struct_keywords.text            'DOUBLE HELIX, RNA' 
# 
loop_
_struct_asym.id 
_struct_asym.pdbx_blank_PDB_chainid_flag 
_struct_asym.pdbx_modified 
_struct_asym.entity_id 
_struct_asym.details 
A N N 1 ? 
B N N 1 ? 
C N N 2 ? 
D N N 2 ? 
# 
_struct_ref.id                         1 
_struct_ref.entity_id                  1 
_struct_ref.db_name                    PDB 
_struct_ref.db_code                    422D 
_struct_ref.pdbx_db_accession          422D 
_struct_ref.pdbx_db_isoform            ? 
_struct_ref.pdbx_seq_one_letter_code   ? 
_struct_ref.pdbx_align_begin           ? 
# 
loop_
_struct_ref_seq.align_id 
_struct_ref_seq.ref_id 
_struct_ref_seq.pdbx_PDB_id_code 
_struct_ref_seq.pdbx_strand_id 
_struct_ref_seq.seq_align_beg 
_struct_ref_seq.pdbx_seq_align_beg_ins_code 
_struct_ref_seq.seq_align_end 
_struct_ref_seq.pdbx_seq_align_end_ins_code 
_struct_ref_seq.pdbx_db_accession 
_struct_ref_seq.db_align_beg 
_struct_ref_seq.pdbx_db_align_beg_ins_code 
_struct_ref_seq.db_align_end 
_struct_ref_seq.pdbx_db_align_end_ins_code 
_struct_ref_seq.pdbx_auth_seq_align_beg 
_struct_ref_seq.pdbx_auth_seq_align_end 
1 1 422D A 1 ? 12 ? 422D 1  ? 12 ? 1  12 
2 1 422D B 1 ? 12 ? 422D 13 ? 24 ? 13 24 
# 
_pdbx_struct_assembly.id                   1 
_pdbx_struct_assembly.details              author_defined_assembly 
_pdbx_struct_assembly.method_details       ? 
_pdbx_struct_assembly.oligomeric_details   dimeric 
_pdbx_struct_assembly.oligomeric_count     2 
# 
_pdbx_struct_assembly_gen.assembly_id       1 
_pdbx_struct_assembly_gen.oper_expression   1 
_pdbx_struct_assembly_gen.asym_id_list      A,B,C,D 
# 
_pdbx_struct_oper_list.id                   1 
_pdbx_struct_oper_list.type                 'identity operation' 
_pdbx_struct_oper_list.name                 1_555 
_pdbx_struct_oper_list.symmetry_operation   x,y,z 
_pdbx_struct_oper_list.matrix[1][1]         1.0000000000 
_pdbx_struct_oper_list.matrix[1][2]         0.0000000000 
_pdbx_struct_oper_list.matrix[1][3]         0.0000000000 
_pdbx_struct_oper_list.vector[1]            0.0000000000 
_pdbx_struct_oper_list.matrix[2][1]         0.0000000000 
_pdbx_struct_oper_list.matrix[2][2]         1.0000000000 
_pdbx_struct_oper_list.matrix[2][3]         0.0000000000 
_pdbx_struct_oper_list.vector[2]            0.0000000000 
_pdbx_struct_oper_list.matrix[3][1]         0.0000000000 
_pdbx_struct_oper_list.matrix[3][2]         0.0000000000 
_pdbx_struct_oper_list.matrix[3][3]         1.0000000000 
_pdbx_struct_oper_list.vector[3]            0.0000000000 
# 
_struct_biol.id                    1 
_struct_biol.pdbx_parent_biol_id   ? 
_struct_biol.details               ? 
# 
loop_
_struct_conn.id 
_struct_conn.conn_type_id 
_struct_conn.pdbx_leaving_atom_flag 
_struct_conn.pdbx_PDB_id 
_struct_conn.ptnr1_label_asym_id 
_struct_conn.ptnr1_label_comp_id 
_struct_conn.ptnr1_label_seq_id 
_struct_conn.ptnr1_label_atom_id 
_struct_conn.pdbx_ptnr1_label_alt_id 
_struct_conn.pdbx_ptnr1_PDB_ins_code 
_struct_conn.pdbx_ptnr1_standard_comp_id 
_struct_conn.ptnr1_symmetry 
_struct_conn.ptnr2_label_asym_id 
_struct_conn.ptnr2_label_comp_id 
_struct_conn.ptnr2_label_seq_id 
_struct_conn.ptnr2_label_atom_id 
_struct_conn.pdbx_ptnr2_label_alt_id 
_struct_conn.pdbx_ptnr2_PDB_ins_code 
_struct_conn.ptnr1_auth_asym_id 
_struct_conn.ptnr1_auth_comp_id 
_struct_conn.ptnr1_auth_seq_id 
_struct_conn.ptnr2_auth_asym_id 
_struct_conn.ptnr2_auth_comp_id 
_struct_conn.ptnr2_auth_seq_id 
_struct_conn.ptnr2_symmetry 
_struct_conn.pdbx_ptnr3_label_atom_id 
_struct_conn.pdbx_ptnr3_label_seq_id 
_struct_conn.pdbx_ptnr3_label_comp_id 
_struct_conn.pdbx_ptnr3_label_asym_id 
_struct_conn.pdbx_ptnr3_label_alt_id 
_struct_conn.pdbx_ptnr3_PDB_ins_code 
_struct_conn.details 
_struct_conn.pdbx_dist_value 
_struct_conn.pdbx_value_order 
_struct_conn.pdbx_role 
hydrog1  hydrog ? ? A A 5  N1 ? ? ? 1_555 B U 12 N3 ? ? A A 5  B U 24 1_555 ? ? ? ? ? ? WATSON-CRICK  ? ? ? 
hydrog2  hydrog ? ? A A 5  N6 ? ? ? 1_555 B U 12 O4 ? ? A A 5  B U 24 1_555 ? ? ? ? ? ? WATSON-CRICK  ? ? ? 
hydrog3  hydrog ? ? A C 6  N3 ? ? ? 1_555 B G 11 N1 ? ? A C 6  B G 23 1_555 ? ? ? ? ? ? WATSON-CRICK  ? ? ? 
hydrog4  hydrog ? ? A C 6  N4 ? ? ? 1_555 B G 11 O6 ? ? A C 6  B G 23 1_555 ? ? ? ? ? ? WATSON-CRICK  ? ? ? 
hydrog5  hydrog ? ? A C 6  O2 ? ? ? 1_555 B G 11 N2 ? ? A C 6  B G 23 1_555 ? ? ? ? ? ? WATSON-CRICK  ? ? ? 
hydrog6  hydrog ? ? A U 7  N3 ? ? ? 1_555 B G 10 O6 ? ? A U 7  B G 22 1_555 ? ? ? ? ? ? TYPE_28_PAIR  ? ? ? 
hydrog7  hydrog ? ? A U 7  O2 ? ? ? 1_555 B G 10 N1 ? ? A U 7  B G 22 1_555 ? ? ? ? ? ? TYPE_28_PAIR  ? ? ? 
hydrog8  hydrog ? ? A U 8  O4 ? ? ? 1_555 B C 9  N4 ? ? A U 8  B C 21 1_555 ? ? ? ? ? ? 'U-C MISPAIR' ? ? ? 
hydrog9  hydrog ? ? A C 9  N4 ? ? ? 1_555 B U 8  O4 ? ? A C 9  B U 20 1_555 ? ? ? ? ? ? 'C-U MISPAIR' ? ? ? 
hydrog10 hydrog ? ? A G 10 N1 ? ? ? 1_555 B U 7  O2 ? ? A G 10 B U 19 1_555 ? ? ? ? ? ? TYPE_28_PAIR  ? ? ? 
hydrog11 hydrog ? ? A G 10 O6 ? ? ? 1_555 B U 7  N3 ? ? A G 10 B U 19 1_555 ? ? ? ? ? ? TYPE_28_PAIR  ? ? ? 
hydrog12 hydrog ? ? A G 11 N1 ? ? ? 1_555 B C 6  N3 ? ? A G 11 B C 18 1_555 ? ? ? ? ? ? WATSON-CRICK  ? ? ? 
hydrog13 hydrog ? ? A G 11 N2 ? ? ? 1_555 B C 6  O2 ? ? A G 11 B C 18 1_555 ? ? ? ? ? ? WATSON-CRICK  ? ? ? 
hydrog14 hydrog ? ? A G 11 O6 ? ? ? 1_555 B C 6  N4 ? ? A G 11 B C 18 1_555 ? ? ? ? ? ? WATSON-CRICK  ? ? ? 
hydrog15 hydrog ? ? A U 12 N3 ? ? ? 1_555 B A 5  N1 ? ? A U 12 B A 17 1_555 ? ? ? ? ? ? WATSON-CRICK  ? ? ? 
hydrog16 hydrog ? ? A U 12 O4 ? ? ? 1_555 B A 5  N6 ? ? A U 12 B A 17 1_555 ? ? ? ? ? ? WATSON-CRICK  ? ? ? 
# 
_struct_conn_type.id          hydrog 
_struct_conn_type.criteria    ? 
_struct_conn_type.reference   ? 
# 
_pdbx_validate_rmsd_bond.id                        1 
_pdbx_validate_rmsd_bond.PDB_model_num             1 
_pdbx_validate_rmsd_bond.auth_atom_id_1            "C1'" 
_pdbx_validate_rmsd_bond.auth_asym_id_1            A 
_pdbx_validate_rmsd_bond.auth_comp_id_1            G 
_pdbx_validate_rmsd_bond.auth_seq_id_1             11 
_pdbx_validate_rmsd_bond.PDB_ins_code_1            ? 
_pdbx_validate_rmsd_bond.label_alt_id_1            ? 
_pdbx_validate_rmsd_bond.auth_atom_id_2            N9 
_pdbx_validate_rmsd_bond.auth_asym_id_2            A 
_pdbx_validate_rmsd_bond.auth_comp_id_2            G 
_pdbx_validate_rmsd_bond.auth_seq_id_2             11 
_pdbx_validate_rmsd_bond.PDB_ins_code_2            ? 
_pdbx_validate_rmsd_bond.label_alt_id_2            ? 
_pdbx_validate_rmsd_bond.bond_value                1.605 
_pdbx_validate_rmsd_bond.bond_target_value         1.483 
_pdbx_validate_rmsd_bond.bond_deviation            0.122 
_pdbx_validate_rmsd_bond.bond_standard_deviation   0.015 
_pdbx_validate_rmsd_bond.linker_flag               N 
# 
_pdbx_validate_rmsd_angle.id                         1 
_pdbx_validate_rmsd_angle.PDB_model_num              1 
_pdbx_validate_rmsd_angle.auth_atom_id_1             "O4'" 
_pdbx_validate_rmsd_angle.auth_asym_id_1             A 
_pdbx_validate_rmsd_angle.auth_comp_id_1             G 
_pdbx_validate_rmsd_angle.auth_seq_id_1              11 
_pdbx_validate_rmsd_angle.PDB_ins_code_1             ? 
_pdbx_validate_rmsd_angle.label_alt_id_1             ? 
_pdbx_validate_rmsd_angle.auth_atom_id_2             "C1'" 
_pdbx_validate_rmsd_angle.auth_asym_id_2             A 
_pdbx_validate_rmsd_angle.auth_comp_id_2             G 
_pdbx_validate_rmsd_angle.auth_seq_id_2              11 
_pdbx_validate_rmsd_angle.PDB_ins_code_2             ? 
_pdbx_validate_rmsd_angle.label_alt_id_2             ? 
_pdbx_validate_rmsd_angle.auth_atom_id_3             N9 
_pdbx_validate_rmsd_angle.auth_asym_id_3             A 
_pdbx_validate_rmsd_angle.auth_comp_id_3             G 
_pdbx_validate_rmsd_angle.auth_seq_id_3              11 
_pdbx_validate_rmsd_angle.PDB_ins_code_3             ? 
_pdbx_validate_rmsd_angle.label_alt_id_3             ? 
_pdbx_validate_rmsd_angle.angle_value                102.47 
_pdbx_validate_rmsd_angle.angle_target_value         108.20 
_pdbx_validate_rmsd_angle.angle_deviation            -5.73 
_pdbx_validate_rmsd_angle.angle_standard_deviation   0.80 
_pdbx_validate_rmsd_angle.linker_flag                N 
# 
_pdbx_validate_planes.id              1 
_pdbx_validate_planes.PDB_model_num   1 
_pdbx_validate_planes.auth_comp_id    G 
_pdbx_validate_planes.auth_asym_id    A 
_pdbx_validate_planes.auth_seq_id     10 
_pdbx_validate_planes.PDB_ins_code    ? 
_pdbx_validate_planes.label_alt_id    ? 
_pdbx_validate_planes.rmsd            0.091 
_pdbx_validate_planes.type            'SIDE CHAIN' 
# 
loop_
_chem_comp_atom.comp_id 
_chem_comp_atom.atom_id 
_chem_comp_atom.type_symbol 
_chem_comp_atom.pdbx_aromatic_flag 
_chem_comp_atom.pdbx_stereo_config 
_chem_comp_atom.pdbx_ordinal 
A   OP3    O N N 1   
A   P      P N N 2   
A   OP1    O N N 3   
A   OP2    O N N 4   
A   "O5'"  O N N 5   
A   "C5'"  C N N 6   
A   "C4'"  C N R 7   
A   "O4'"  O N N 8   
A   "C3'"  C N S 9   
A   "O3'"  O N N 10  
A   "C2'"  C N R 11  
A   "O2'"  O N N 12  
A   "C1'"  C N R 13  
A   N9     N Y N 14  
A   C8     C Y N 15  
A   N7     N Y N 16  
A   C5     C Y N 17  
A   C6     C Y N 18  
A   N6     N N N 19  
A   N1     N Y N 20  
A   C2     C Y N 21  
A   N3     N Y N 22  
A   C4     C Y N 23  
A   HOP3   H N N 24  
A   HOP2   H N N 25  
A   "H5'"  H N N 26  
A   "H5''" H N N 27  
A   "H4'"  H N N 28  
A   "H3'"  H N N 29  
A   "HO3'" H N N 30  
A   "H2'"  H N N 31  
A   "HO2'" H N N 32  
A   "H1'"  H N N 33  
A   H8     H N N 34  
A   H61    H N N 35  
A   H62    H N N 36  
A   H2     H N N 37  
C   OP3    O N N 38  
C   P      P N N 39  
C   OP1    O N N 40  
C   OP2    O N N 41  
C   "O5'"  O N N 42  
C   "C5'"  C N N 43  
C   "C4'"  C N R 44  
C   "O4'"  O N N 45  
C   "C3'"  C N S 46  
C   "O3'"  O N N 47  
C   "C2'"  C N R 48  
C   "O2'"  O N N 49  
C   "C1'"  C N R 50  
C   N1     N N N 51  
C   C2     C N N 52  
C   O2     O N N 53  
C   N3     N N N 54  
C   C4     C N N 55  
C   N4     N N N 56  
C   C5     C N N 57  
C   C6     C N N 58  
C   HOP3   H N N 59  
C   HOP2   H N N 60  
C   "H5'"  H N N 61  
C   "H5''" H N N 62  
C   "H4'"  H N N 63  
C   "H3'"  H N N 64  
C   "HO3'" H N N 65  
C   "H2'"  H N N 66  
C   "HO2'" H N N 67  
C   "H1'"  H N N 68  
C   H41    H N N 69  
C   H42    H N N 70  
C   H5     H N N 71  
C   H6     H N N 72  
G   OP3    O N N 73  
G   P      P N N 74  
G   OP1    O N N 75  
G   OP2    O N N 76  
G   "O5'"  O N N 77  
G   "C5'"  C N N 78  
G   "C4'"  C N R 79  
G   "O4'"  O N N 80  
G   "C3'"  C N S 81  
G   "O3'"  O N N 82  
G   "C2'"  C N R 83  
G   "O2'"  O N N 84  
G   "C1'"  C N R 85  
G   N9     N Y N 86  
G   C8     C Y N 87  
G   N7     N Y N 88  
G   C5     C Y N 89  
G   C6     C N N 90  
G   O6     O N N 91  
G   N1     N N N 92  
G   C2     C N N 93  
G   N2     N N N 94  
G   N3     N N N 95  
G   C4     C Y N 96  
G   HOP3   H N N 97  
G   HOP2   H N N 98  
G   "H5'"  H N N 99  
G   "H5''" H N N 100 
G   "H4'"  H N N 101 
G   "H3'"  H N N 102 
G   "HO3'" H N N 103 
G   "H2'"  H N N 104 
G   "HO2'" H N N 105 
G   "H1'"  H N N 106 
G   H8     H N N 107 
G   H1     H N N 108 
G   H21    H N N 109 
G   H22    H N N 110 
HOH O      O N N 111 
HOH H1     H N N 112 
HOH H2     H N N 113 
U   OP3    O N N 114 
U   P      P N N 115 
U   OP1    O N N 116 
U   OP2    O N N 117 
U   "O5'"  O N N 118 
U   "C5'"  C N N 119 
U   "C4'"  C N R 120 
U   "O4'"  O N N 121 
U   "C3'"  C N S 122 
U   "O3'"  O N N 123 
U   "C2'"  C N R 124 
U   "O2'"  O N N 125 
U   "C1'"  C N R 126 
U   N1     N N N 127 
U   C2     C N N 128 
U   O2     O N N 129 
U   N3     N N N 130 
U   C4     C N N 131 
U   O4     O N N 132 
U   C5     C N N 133 
U   C6     C N N 134 
U   HOP3   H N N 135 
U   HOP2   H N N 136 
U   "H5'"  H N N 137 
U   "H5''" H N N 138 
U   "H4'"  H N N 139 
U   "H3'"  H N N 140 
U   "HO3'" H N N 141 
U   "H2'"  H N N 142 
U   "HO2'" H N N 143 
U   "H1'"  H N N 144 
U   H3     H N N 145 
U   H5     H N N 146 
U   H6     H N N 147 
# 
loop_
_chem_comp_bond.comp_id 
_chem_comp_bond.atom_id_1 
_chem_comp_bond.atom_id_2 
_chem_comp_bond.value_order 
_chem_comp_bond.pdbx_aromatic_flag 
_chem_comp_bond.pdbx_stereo_config 
_chem_comp_bond.pdbx_ordinal 
A   OP3   P      sing N N 1   
A   OP3   HOP3   sing N N 2   
A   P     OP1    doub N N 3   
A   P     OP2    sing N N 4   
A   P     "O5'"  sing N N 5   
A   OP2   HOP2   sing N N 6   
A   "O5'" "C5'"  sing N N 7   
A   "C5'" "C4'"  sing N N 8   
A   "C5'" "H5'"  sing N N 9   
A   "C5'" "H5''" sing N N 10  
A   "C4'" "O4'"  sing N N 11  
A   "C4'" "C3'"  sing N N 12  
A   "C4'" "H4'"  sing N N 13  
A   "O4'" "C1'"  sing N N 14  
A   "C3'" "O3'"  sing N N 15  
A   "C3'" "C2'"  sing N N 16  
A   "C3'" "H3'"  sing N N 17  
A   "O3'" "HO3'" sing N N 18  
A   "C2'" "O2'"  sing N N 19  
A   "C2'" "C1'"  sing N N 20  
A   "C2'" "H2'"  sing N N 21  
A   "O2'" "HO2'" sing N N 22  
A   "C1'" N9     sing N N 23  
A   "C1'" "H1'"  sing N N 24  
A   N9    C8     sing Y N 25  
A   N9    C4     sing Y N 26  
A   C8    N7     doub Y N 27  
A   C8    H8     sing N N 28  
A   N7    C5     sing Y N 29  
A   C5    C6     sing Y N 30  
A   C5    C4     doub Y N 31  
A   C6    N6     sing N N 32  
A   C6    N1     doub Y N 33  
A   N6    H61    sing N N 34  
A   N6    H62    sing N N 35  
A   N1    C2     sing Y N 36  
A   C2    N3     doub Y N 37  
A   C2    H2     sing N N 38  
A   N3    C4     sing Y N 39  
C   OP3   P      sing N N 40  
C   OP3   HOP3   sing N N 41  
C   P     OP1    doub N N 42  
C   P     OP2    sing N N 43  
C   P     "O5'"  sing N N 44  
C   OP2   HOP2   sing N N 45  
C   "O5'" "C5'"  sing N N 46  
C   "C5'" "C4'"  sing N N 47  
C   "C5'" "H5'"  sing N N 48  
C   "C5'" "H5''" sing N N 49  
C   "C4'" "O4'"  sing N N 50  
C   "C4'" "C3'"  sing N N 51  
C   "C4'" "H4'"  sing N N 52  
C   "O4'" "C1'"  sing N N 53  
C   "C3'" "O3'"  sing N N 54  
C   "C3'" "C2'"  sing N N 55  
C   "C3'" "H3'"  sing N N 56  
C   "O3'" "HO3'" sing N N 57  
C   "C2'" "O2'"  sing N N 58  
C   "C2'" "C1'"  sing N N 59  
C   "C2'" "H2'"  sing N N 60  
C   "O2'" "HO2'" sing N N 61  
C   "C1'" N1     sing N N 62  
C   "C1'" "H1'"  sing N N 63  
C   N1    C2     sing N N 64  
C   N1    C6     sing N N 65  
C   C2    O2     doub N N 66  
C   C2    N3     sing N N 67  
C   N3    C4     doub N N 68  
C   C4    N4     sing N N 69  
C   C4    C5     sing N N 70  
C   N4    H41    sing N N 71  
C   N4    H42    sing N N 72  
C   C5    C6     doub N N 73  
C   C5    H5     sing N N 74  
C   C6    H6     sing N N 75  
G   OP3   P      sing N N 76  
G   OP3   HOP3   sing N N 77  
G   P     OP1    doub N N 78  
G   P     OP2    sing N N 79  
G   P     "O5'"  sing N N 80  
G   OP2   HOP2   sing N N 81  
G   "O5'" "C5'"  sing N N 82  
G   "C5'" "C4'"  sing N N 83  
G   "C5'" "H5'"  sing N N 84  
G   "C5'" "H5''" sing N N 85  
G   "C4'" "O4'"  sing N N 86  
G   "C4'" "C3'"  sing N N 87  
G   "C4'" "H4'"  sing N N 88  
G   "O4'" "C1'"  sing N N 89  
G   "C3'" "O3'"  sing N N 90  
G   "C3'" "C2'"  sing N N 91  
G   "C3'" "H3'"  sing N N 92  
G   "O3'" "HO3'" sing N N 93  
G   "C2'" "O2'"  sing N N 94  
G   "C2'" "C1'"  sing N N 95  
G   "C2'" "H2'"  sing N N 96  
G   "O2'" "HO2'" sing N N 97  
G   "C1'" N9     sing N N 98  
G   "C1'" "H1'"  sing N N 99  
G   N9    C8     sing Y N 100 
G   N9    C4     sing Y N 101 
G   C8    N7     doub Y N 102 
G   C8    H8     sing N N 103 
G   N7    C5     sing Y N 104 
G   C5    C6     sing N N 105 
G   C5    C4     doub Y N 106 
G   C6    O6     doub N N 107 
G   C6    N1     sing N N 108 
G   N1    C2     sing N N 109 
G   N1    H1     sing N N 110 
G   C2    N2     sing N N 111 
G   C2    N3     doub N N 112 
G   N2    H21    sing N N 113 
G   N2    H22    sing N N 114 
G   N3    C4     sing N N 115 
HOH O     H1     sing N N 116 
HOH O     H2     sing N N 117 
U   OP3   P      sing N N 118 
U   OP3   HOP3   sing N N 119 
U   P     OP1    doub N N 120 
U   P     OP2    sing N N 121 
U   P     "O5'"  sing N N 122 
U   OP2   HOP2   sing N N 123 
U   "O5'" "C5'"  sing N N 124 
U   "C5'" "C4'"  sing N N 125 
U   "C5'" "H5'"  sing N N 126 
U   "C5'" "H5''" sing N N 127 
U   "C4'" "O4'"  sing N N 128 
U   "C4'" "C3'"  sing N N 129 
U   "C4'" "H4'"  sing N N 130 
U   "O4'" "C1'"  sing N N 131 
U   "C3'" "O3'"  sing N N 132 
U   "C3'" "C2'"  sing N N 133 
U   "C3'" "H3'"  sing N N 134 
U   "O3'" "HO3'" sing N N 135 
U   "C2'" "O2'"  sing N N 136 
U   "C2'" "C1'"  sing N N 137 
U   "C2'" "H2'"  sing N N 138 
U   "O2'" "HO2'" sing N N 139 
U   "C1'" N1     sing N N 140 
U   "C1'" "H1'"  sing N N 141 
U   N1    C2     sing N N 142 
U   N1    C6     sing N N 143 
U   C2    O2     doub N N 144 
U   C2    N3     sing N N 145 
U   N3    C4     sing N N 146 
U   N3    H3     sing N N 147 
U   C4    O4     doub N N 148 
U   C4    C5     sing N N 149 
U   C5    C6     doub N N 150 
U   C5    H5     sing N N 151 
U   C6    H6     sing N N 152 
# 
loop_
_ndb_struct_conf_na.entry_id 
_ndb_struct_conf_na.feature 
422D 'double helix'         
422D 'a-form double helix'  
422D 'mismatched base pair' 
# 
loop_
_ndb_struct_na_base_pair.model_number 
_ndb_struct_na_base_pair.i_label_asym_id 
_ndb_struct_na_base_pair.i_label_comp_id 
_ndb_struct_na_base_pair.i_label_seq_id 
_ndb_struct_na_base_pair.i_symmetry 
_ndb_struct_na_base_pair.j_label_asym_id 
_ndb_struct_na_base_pair.j_label_comp_id 
_ndb_struct_na_base_pair.j_label_seq_id 
_ndb_struct_na_base_pair.j_symmetry 
_ndb_struct_na_base_pair.shear 
_ndb_struct_na_base_pair.stretch 
_ndb_struct_na_base_pair.stagger 
_ndb_struct_na_base_pair.buckle 
_ndb_struct_na_base_pair.propeller 
_ndb_struct_na_base_pair.opening 
_ndb_struct_na_base_pair.pair_number 
_ndb_struct_na_base_pair.pair_name 
_ndb_struct_na_base_pair.i_auth_asym_id 
_ndb_struct_na_base_pair.i_auth_seq_id 
_ndb_struct_na_base_pair.i_PDB_ins_code 
_ndb_struct_na_base_pair.j_auth_asym_id 
_ndb_struct_na_base_pair.j_auth_seq_id 
_ndb_struct_na_base_pair.j_PDB_ins_code 
_ndb_struct_na_base_pair.hbond_type_28 
_ndb_struct_na_base_pair.hbond_type_12 
1 A A 5  1_555 B U 12 1_555 0.269  0.039  0.232  13.084 -16.659 2.711   1 A_A5:U24_B  A 5  ? B 24 ? 20 1 
1 A C 6  1_555 B G 11 1_555 0.312  -0.186 -0.061 12.198 -17.781 2.449   2 A_C6:G23_B  A 6  ? B 23 ? 19 1 
1 A U 7  1_555 B G 10 1_555 2.446  -0.413 0.215  -1.688 -8.431  3.094   3 A_U7:G22_B  A 7  ? B 22 ? 28 ? 
1 A U 8  1_555 B C 9  1_555 -0.554 0.015  -0.302 -3.177 -0.871  -35.354 4 A_U8:C21_B  A 8  ? B 21 ? ?  ? 
1 A C 9  1_555 B U 8  1_555 0.951  -0.143 -0.056 10.092 -1.762  -31.029 5 A_C9:U20_B  A 9  ? B 20 ? ?  ? 
1 A G 10 1_555 B U 7  1_555 -2.236 -0.455 0.124  6.556  -11.472 2.140   6 A_G10:U19_B A 10 ? B 19 ? 28 1 
1 A G 11 1_555 B C 6  1_555 -0.197 -0.239 -0.251 -6.923 -9.984  0.637   7 A_G11:C18_B A 11 ? B 18 ? 19 1 
1 A U 12 1_555 B A 5  1_555 0.526  -0.160 0.346  -9.628 -2.720  8.706   8 A_U12:A17_B A 12 ? B 17 ? 20 1 
# 
loop_
_ndb_struct_na_base_pair_step.model_number 
_ndb_struct_na_base_pair_step.i_label_asym_id_1 
_ndb_struct_na_base_pair_step.i_label_comp_id_1 
_ndb_struct_na_base_pair_step.i_label_seq_id_1 
_ndb_struct_na_base_pair_step.i_symmetry_1 
_ndb_struct_na_base_pair_step.j_label_asym_id_1 
_ndb_struct_na_base_pair_step.j_label_comp_id_1 
_ndb_struct_na_base_pair_step.j_label_seq_id_1 
_ndb_struct_na_base_pair_step.j_symmetry_1 
_ndb_struct_na_base_pair_step.i_label_asym_id_2 
_ndb_struct_na_base_pair_step.i_label_comp_id_2 
_ndb_struct_na_base_pair_step.i_label_seq_id_2 
_ndb_struct_na_base_pair_step.i_symmetry_2 
_ndb_struct_na_base_pair_step.j_label_asym_id_2 
_ndb_struct_na_base_pair_step.j_label_comp_id_2 
_ndb_struct_na_base_pair_step.j_label_seq_id_2 
_ndb_struct_na_base_pair_step.j_symmetry_2 
_ndb_struct_na_base_pair_step.shift 
_ndb_struct_na_base_pair_step.slide 
_ndb_struct_na_base_pair_step.rise 
_ndb_struct_na_base_pair_step.tilt 
_ndb_struct_na_base_pair_step.roll 
_ndb_struct_na_base_pair_step.twist 
_ndb_struct_na_base_pair_step.x_displacement 
_ndb_struct_na_base_pair_step.y_displacement 
_ndb_struct_na_base_pair_step.helical_rise 
_ndb_struct_na_base_pair_step.inclination 
_ndb_struct_na_base_pair_step.tip 
_ndb_struct_na_base_pair_step.helical_twist 
_ndb_struct_na_base_pair_step.step_number 
_ndb_struct_na_base_pair_step.step_name 
_ndb_struct_na_base_pair_step.i_auth_asym_id_1 
_ndb_struct_na_base_pair_step.i_auth_seq_id_1 
_ndb_struct_na_base_pair_step.i_PDB_ins_code_1 
_ndb_struct_na_base_pair_step.j_auth_asym_id_1 
_ndb_struct_na_base_pair_step.j_auth_seq_id_1 
_ndb_struct_na_base_pair_step.j_PDB_ins_code_1 
_ndb_struct_na_base_pair_step.i_auth_asym_id_2 
_ndb_struct_na_base_pair_step.i_auth_seq_id_2 
_ndb_struct_na_base_pair_step.i_PDB_ins_code_2 
_ndb_struct_na_base_pair_step.j_auth_asym_id_2 
_ndb_struct_na_base_pair_step.j_auth_seq_id_2 
_ndb_struct_na_base_pair_step.j_PDB_ins_code_2 
1 A A 5  1_555 B U 12 1_555 A C 6  1_555 B G 11 1_555 0.252  -1.389 3.376 1.135  6.876  30.318 -3.892 -0.255 3.004 12.934 -2.135 
31.091 1 AA_A5C6:G23U24_BB   A 5  ? B 24 ? A 6  ? B 23 ? 
1 A C 6  1_555 B G 11 1_555 A U 7  1_555 B G 10 1_555 0.317  -1.815 3.622 0.223  7.414  42.442 -3.250 -0.408 3.277 10.147 -0.305 
43.056 2 AA_C6U7:G22G23_BB   A 6  ? B 23 ? A 7  ? B 22 ? 
1 A U 7  1_555 B G 10 1_555 A U 8  1_555 B C 9  1_555 -3.785 -2.329 3.253 3.212  10.774 17.577 -9.688 11.433 0.974 31.423 -9.369 
20.841 3 AA_U7U8:C21G22_BB   A 7  ? B 22 ? A 8  ? B 21 ? 
1 A U 8  1_555 B C 9  1_555 A C 9  1_555 B U 8  1_555 0.303  -1.567 3.249 -1.028 6.672  36.399 -3.323 -0.609 2.917 10.569 1.628  
36.999 4 AA_U8C9:U20C21_BB   A 8  ? B 21 ? A 9  ? B 20 ? 
1 A C 9  1_555 B U 8  1_555 A G 10 1_555 B U 7  1_555 3.208  -2.103 3.272 -0.858 14.384 20.482 -8.219 -7.612 1.382 35.351 2.109  
24.998 5 AA_C9G10:U19U20_BB  A 9  ? B 20 ? A 10 ? B 19 ? 
1 A G 10 1_555 B U 7  1_555 A G 11 1_555 B C 6  1_555 -0.407 -2.070 3.673 0.142  7.331  40.610 -3.784 0.594  3.265 10.460 -0.202 
41.239 6 AA_G10G11:C18U19_BB A 10 ? B 19 ? A 11 ? B 18 ? 
1 A G 11 1_555 B C 6  1_555 A U 12 1_555 B A 5  1_555 0.591  -2.396 3.386 -3.691 5.200  33.188 -4.940 -1.597 2.907 9.001  6.388  
33.778 7 AA_G11U12:A17C18_BB A 11 ? B 18 ? A 12 ? B 17 ? 
# 
_pdbx_initial_refinement_model.accession_code   1RNA 
_pdbx_initial_refinement_model.id               1 
_pdbx_initial_refinement_model.entity_id_list   ? 
_pdbx_initial_refinement_model.type             'experimental model' 
_pdbx_initial_refinement_model.source_name      PDB 
_pdbx_initial_refinement_model.details          'OCTAMER SEGMENT FROM 14-MER AUAUAUAUAUAUAU' 
# 
_atom_sites.entry_id                    422D 
_atom_sites.fract_transf_matrix[1][1]   -0.00317166 
_atom_sites.fract_transf_matrix[1][2]   0.01412144 
_atom_sites.fract_transf_matrix[1][3]   0.00072263 
_atom_sites.fract_transf_matrix[2][1]   -0.02411791 
_atom_sites.fract_transf_matrix[2][2]   -0.00559872 
_atom_sites.fract_transf_matrix[2][3]   0.00355402 
_atom_sites.fract_transf_matrix[3][1]   0.00283983 
_atom_sites.fract_transf_matrix[3][2]   0.00734981 
_atom_sites.fract_transf_matrix[3][3]   0.03084966 
_atom_sites.fract_transf_vector[1]      0.163325 
_atom_sites.fract_transf_vector[2]      -0.000890 
_atom_sites.fract_transf_vector[3]      0.284812 
# 
loop_
_atom_type.symbol 
C 
N 
O 
P 
# 
loop_
_atom_site.group_PDB 
_atom_site.id 
_atom_site.type_symbol 
_atom_site.label_atom_id 
_atom_site.label_alt_id 
_atom_site.label_comp_id 
_atom_site.label_asym_id 
_atom_site.label_entity_id 
_atom_site.label_seq_id 
_atom_site.pdbx_PDB_ins_code 
_atom_site.Cartn_x 
_atom_site.Cartn_y 
_atom_site.Cartn_z 
_atom_site.occupancy 
_atom_site.B_iso_or_equiv 
_atom_site.pdbx_formal_charge 
_atom_site.auth_seq_id 
_atom_site.auth_comp_id 
_atom_site.auth_asym_id 
_atom_site.auth_atom_id 
_atom_site.pdbx_PDB_model_num 
ATOM   1   O "O5'" . G   A 1 1  ? -0.616  6.167   -18.912 1.00 17.57 ? 1  G   A "O5'" 1 
ATOM   2   C "C5'" . G   A 1 1  ? -0.891  7.560   -18.815 1.00 15.09 ? 1  G   A "C5'" 1 
ATOM   3   C "C4'" . G   A 1 1  ? -2.364  7.829   -18.986 1.00 14.55 ? 1  G   A "C4'" 1 
ATOM   4   O "O4'" . G   A 1 1  ? -2.870  6.995   -20.056 1.00 14.14 ? 1  G   A "O4'" 1 
ATOM   5   C "C3'" . G   A 1 1  ? -3.261  7.475   -17.814 1.00 15.28 ? 1  G   A "C3'" 1 
ATOM   6   O "O3'" . G   A 1 1  ? -3.290  8.549   -16.891 1.00 15.12 ? 1  G   A "O3'" 1 
ATOM   7   C "C2'" . G   A 1 1  ? -4.611  7.330   -18.502 1.00 14.26 ? 1  G   A "C2'" 1 
ATOM   8   O "O2'" . G   A 1 1  ? -5.149  8.581   -18.864 1.00 18.33 ? 1  G   A "O2'" 1 
ATOM   9   C "C1'" . G   A 1 1  ? -4.207  6.630   -19.792 1.00 9.09  ? 1  G   A "C1'" 1 
ATOM   10  N N9    . G   A 1 1  ? -4.267  5.179   -19.739 1.00 3.79  ? 1  G   A N9    1 
ATOM   11  C C8    . G   A 1 1  ? -3.210  4.309   -19.699 1.00 2.68  ? 1  G   A C8    1 
ATOM   12  N N7    . G   A 1 1  ? -3.581  3.055   -19.732 1.00 4.58  ? 1  G   A N7    1 
ATOM   13  C C5    . G   A 1 1  ? -4.969  3.109   -19.778 1.00 2.52  ? 1  G   A C5    1 
ATOM   14  C C6    . G   A 1 1  ? -5.934  2.067   -19.841 1.00 2.39  ? 1  G   A C6    1 
ATOM   15  O O6    . G   A 1 1  ? -5.745  0.846   -19.878 1.00 6.33  ? 1  G   A O6    1 
ATOM   16  N N1    . G   A 1 1  ? -7.232  2.567   -19.872 1.00 2.00  ? 1  G   A N1    1 
ATOM   17  C C2    . G   A 1 1  ? -7.561  3.896   -19.856 1.00 3.20  ? 1  G   A C2    1 
ATOM   18  N N2    . G   A 1 1  ? -8.860  4.183   -19.881 1.00 5.39  ? 1  G   A N2    1 
ATOM   19  N N3    . G   A 1 1  ? -6.677  4.878   -19.810 1.00 4.32  ? 1  G   A N3    1 
ATOM   20  C C4    . G   A 1 1  ? -5.407  4.413   -19.769 1.00 3.80  ? 1  G   A C4    1 
ATOM   21  P P     . A   A 1 2  ? -3.575  8.262   -15.344 1.00 14.10 ? 2  A   A P     1 
ATOM   22  O OP1   . A   A 1 2  ? -3.401  9.567   -14.658 1.00 19.61 ? 2  A   A OP1   1 
ATOM   23  O OP2   . A   A 1 2  ? -2.795  7.073   -14.900 1.00 13.25 ? 2  A   A OP2   1 
ATOM   24  O "O5'" . A   A 1 2  ? -5.114  7.871   -15.304 1.00 16.15 ? 2  A   A "O5'" 1 
ATOM   25  C "C5'" . A   A 1 2  ? -6.128  8.846   -15.578 1.00 11.95 ? 2  A   A "C5'" 1 
ATOM   26  C "C4'" . A   A 1 2  ? -7.497  8.204   -15.545 1.00 11.15 ? 2  A   A "C4'" 1 
ATOM   27  O "O4'" . A   A 1 2  ? -7.609  7.241   -16.626 1.00 9.46  ? 2  A   A "O4'" 1 
ATOM   28  C "C3'" . A   A 1 2  ? -7.830  7.401   -14.305 1.00 11.63 ? 2  A   A "C3'" 1 
ATOM   29  O "O3'" . A   A 1 2  ? -8.282  8.285   -13.291 1.00 15.10 ? 2  A   A "O3'" 1 
ATOM   30  C "C2'" . A   A 1 2  ? -8.944  6.507   -14.836 1.00 12.40 ? 2  A   A "C2'" 1 
ATOM   31  O "O2'" . A   A 1 2  ? -10.148 7.218   -15.047 1.00 16.03 ? 2  A   A "O2'" 1 
ATOM   32  C "C1'" . A   A 1 2  ? -8.403  6.150   -16.218 1.00 7.20  ? 2  A   A "C1'" 1 
ATOM   33  N N9    . A   A 1 2  ? -7.526  4.991   -16.212 1.00 3.20  ? 2  A   A N9    1 
ATOM   34  C C8    . A   A 1 2  ? -6.165  4.932   -16.125 1.00 2.00  ? 2  A   A C8    1 
ATOM   35  N N7    . A   A 1 2  ? -5.689  3.711   -16.187 1.00 5.06  ? 2  A   A N7    1 
ATOM   36  C C5    . A   A 1 2  ? -6.819  2.918   -16.328 1.00 2.00  ? 2  A   A C5    1 
ATOM   37  C C6    . A   A 1 2  ? -6.996  1.538   -16.489 1.00 3.57  ? 2  A   A C6    1 
ATOM   38  N N6    . A   A 1 2  ? -5.990  0.667   -16.620 1.00 3.57  ? 2  A   A N6    1 
ATOM   39  N N1    . A   A 1 2  ? -8.266  1.068   -16.548 1.00 2.92  ? 2  A   A N1    1 
ATOM   40  C C2    . A   A 1 2  ? -9.266  1.942   -16.502 1.00 2.00  ? 2  A   A C2    1 
ATOM   41  N N3    . A   A 1 2  ? -9.221  3.264   -16.405 1.00 3.04  ? 2  A   A N3    1 
ATOM   42  C C4    . A   A 1 2  ? -7.955  3.692   -16.316 1.00 2.30  ? 2  A   A C4    1 
ATOM   43  P P     . U   A 1 3  ? -7.772  8.108   -11.770 1.00 16.29 ? 3  U   A P     1 
ATOM   44  O OP1   . U   A 1 3  ? -8.368  9.257   -11.042 1.00 16.99 ? 3  U   A OP1   1 
ATOM   45  O OP2   . U   A 1 3  ? -6.305  7.896   -11.732 1.00 17.68 ? 3  U   A OP2   1 
ATOM   46  O "O5'" . U   A 1 3  ? -8.463  6.766   -11.273 1.00 14.48 ? 3  U   A "O5'" 1 
ATOM   47  C "C5'" . U   A 1 3  ? -9.880  6.713   -11.118 1.00 11.40 ? 3  U   A "C5'" 1 
ATOM   48  C "C4'" . U   A 1 3  ? -10.380 5.290   -11.198 1.00 8.61  ? 3  U   A "C4'" 1 
ATOM   49  O "O4'" . U   A 1 3  ? -9.955  4.657   -12.433 1.00 7.77  ? 3  U   A "O4'" 1 
ATOM   50  C "C3'" . U   A 1 3  ? -9.863  4.301   -10.184 1.00 7.69  ? 3  U   A "C3'" 1 
ATOM   51  O "O3'" . U   A 1 3  ? -10.418 4.503   -8.899  1.00 14.17 ? 3  U   A "O3'" 1 
ATOM   52  C "C2'" . U   A 1 3  ? -10.346 3.003   -10.800 1.00 7.80  ? 3  U   A "C2'" 1 
ATOM   53  O "O2'" . U   A 1 3  ? -11.743 2.827   -10.656 1.00 8.31  ? 3  U   A "O2'" 1 
ATOM   54  C "C1'" . U   A 1 3  ? -10.006 3.251   -12.264 1.00 5.30  ? 3  U   A "C1'" 1 
ATOM   55  N N1    . U   A 1 3  ? -8.694  2.693   -12.557 1.00 2.38  ? 3  U   A N1    1 
ATOM   56  C C2    . U   A 1 3  ? -8.552  1.376   -12.783 1.00 3.59  ? 3  U   A C2    1 
ATOM   57  O O2    . U   A 1 3  ? -9.489  0.603   -12.724 1.00 7.90  ? 3  U   A O2    1 
ATOM   58  N N3    . U   A 1 3  ? -7.282  0.971   -13.067 1.00 4.27  ? 3  U   A N3    1 
ATOM   59  C C4    . U   A 1 3  ? -6.164  1.757   -13.129 1.00 7.93  ? 3  U   A C4    1 
ATOM   60  O O4    . U   A 1 3  ? -5.084  1.248   -13.453 1.00 12.23 ? 3  U   A O4    1 
ATOM   61  C C5    . U   A 1 3  ? -6.394  3.123   -12.847 1.00 4.20  ? 3  U   A C5    1 
ATOM   62  C C6    . U   A 1 3  ? -7.628  3.535   -12.581 1.00 3.72  ? 3  U   A C6    1 
ATOM   63  P P     . C   A 1 4  ? -9.611  3.993   -7.600  1.00 11.51 ? 4  C   A P     1 
ATOM   64  O OP1   . C   A 1 4  ? -10.343 4.462   -6.410  1.00 16.58 ? 4  C   A OP1   1 
ATOM   65  O OP2   . C   A 1 4  ? -8.192  4.364   -7.782  1.00 14.49 ? 4  C   A OP2   1 
ATOM   66  O "O5'" . C   A 1 4  ? -9.750  2.411   -7.676  1.00 12.30 ? 4  C   A "O5'" 1 
ATOM   67  C "C5'" . C   A 1 4  ? -11.041 1.804   -7.546  1.00 9.34  ? 4  C   A "C5'" 1 
ATOM   68  C "C4'" . C   A 1 4  ? -10.942 0.307   -7.666  1.00 7.30  ? 4  C   A "C4'" 1 
ATOM   69  O "O4'" . C   A 1 4  ? -10.458 -0.036  -8.985  1.00 7.63  ? 4  C   A "O4'" 1 
ATOM   70  C "C3'" . C   A 1 4  ? -9.974  -0.409  -6.746  1.00 7.33  ? 4  C   A "C3'" 1 
ATOM   71  O "O3'" . C   A 1 4  ? -10.534 -0.584  -5.450  1.00 13.57 ? 4  C   A "O3'" 1 
ATOM   72  C "C2'" . C   A 1 4  ? -9.837  -1.741  -7.470  1.00 10.68 ? 4  C   A "C2'" 1 
ATOM   73  O "O2'" . C   A 1 4  ? -10.951 -2.596  -7.282  1.00 13.56 ? 4  C   A "O2'" 1 
ATOM   74  C "C1'" . C   A 1 4  ? -9.774  -1.274  -8.927  1.00 6.75  ? 4  C   A "C1'" 1 
ATOM   75  N N1    . C   A 1 4  ? -8.405  -1.051  -9.353  1.00 4.76  ? 4  C   A N1    1 
ATOM   76  C C2    . C   A 1 4  ? -7.674  -2.134  -9.797  1.00 4.98  ? 4  C   A C2    1 
ATOM   77  O O2    . C   A 1 4  ? -8.195  -3.265  -9.760  1.00 9.64  ? 4  C   A O2    1 
ATOM   78  N N3    . C   A 1 4  ? -6.415  -1.941  -10.247 1.00 2.78  ? 4  C   A N3    1 
ATOM   79  C C4    . C   A 1 4  ? -5.888  -0.719  -10.241 1.00 2.00  ? 4  C   A C4    1 
ATOM   80  N N4    . C   A 1 4  ? -4.654  -0.566  -10.724 1.00 2.00  ? 4  C   A N4    1 
ATOM   81  C C5    . C   A 1 4  ? -6.601  0.404   -9.752  1.00 2.00  ? 4  C   A C5    1 
ATOM   82  C C6    . C   A 1 4  ? -7.850  0.196   -9.329  1.00 3.36  ? 4  C   A C6    1 
ATOM   83  P P     . A   A 1 5  ? -9.577  -0.643  -4.155  1.00 13.83 ? 5  A   A P     1 
ATOM   84  O OP1   . A   A 1 5  ? -10.431 -0.320  -2.999  1.00 15.85 ? 5  A   A OP1   1 
ATOM   85  O OP2   . A   A 1 5  ? -8.340  0.126   -4.384  1.00 14.12 ? 5  A   A OP2   1 
ATOM   86  O "O5'" . A   A 1 5  ? -9.120  -2.164  -4.081  1.00 12.47 ? 5  A   A "O5'" 1 
ATOM   87  C "C5'" . A   A 1 5  ? -10.077 -3.215  -4.061  1.00 11.43 ? 5  A   A "C5'" 1 
ATOM   88  C "C4'" . A   A 1 5  ? -9.405  -4.541  -4.322  1.00 11.71 ? 5  A   A "C4'" 1 
ATOM   89  O "O4'" . A   A 1 5  ? -8.999  -4.640  -5.705  1.00 12.91 ? 5  A   A "O4'" 1 
ATOM   90  C "C3'" . A   A 1 5  ? -8.120  -4.780  -3.571  1.00 12.87 ? 5  A   A "C3'" 1 
ATOM   91  O "O3'" . A   A 1 5  ? -8.395  -5.180  -2.259  1.00 15.49 ? 5  A   A "O3'" 1 
ATOM   92  C "C2'" . A   A 1 5  ? -7.497  -5.890  -4.393  1.00 12.60 ? 5  A   A "C2'" 1 
ATOM   93  O "O2'" . A   A 1 5  ? -8.159  -7.119  -4.187  1.00 15.38 ? 5  A   A "O2'" 1 
ATOM   94  C "C1'" . A   A 1 5  ? -7.795  -5.384  -5.797  1.00 9.14  ? 5  A   A "C1'" 1 
ATOM   95  N N9    . A   A 1 5  ? -6.762  -4.491  -6.314  1.00 2.90  ? 5  A   A N9    1 
ATOM   96  C C8    . A   A 1 5  ? -6.679  -3.124  -6.191  1.00 2.00  ? 5  A   A C8    1 
ATOM   97  N N7    . A   A 1 5  ? -5.620  -2.607  -6.771  1.00 2.63  ? 5  A   A N7    1 
ATOM   98  C C5    . A   A 1 5  ? -4.966  -3.712  -7.309  1.00 2.00  ? 5  A   A C5    1 
ATOM   99  C C6    . A   A 1 5  ? -3.772  -3.847  -8.048  1.00 2.00  ? 5  A   A C6    1 
ATOM   100 N N6    . A   A 1 5  ? -2.997  -2.823  -8.398  1.00 2.00  ? 5  A   A N6    1 
ATOM   101 N N1    . A   A 1 5  ? -3.401  -5.091  -8.425  1.00 2.00  ? 5  A   A N1    1 
ATOM   102 C C2    . A   A 1 5  ? -4.183  -6.119  -8.090  1.00 2.35  ? 5  A   A C2    1 
ATOM   103 N N3    . A   A 1 5  ? -5.328  -6.122  -7.403  1.00 5.19  ? 5  A   A N3    1 
ATOM   104 C C4    . A   A 1 5  ? -5.662  -4.873  -7.036  1.00 2.44  ? 5  A   A C4    1 
ATOM   105 P P     . C   A 1 6  ? -7.419  -4.727  -1.087  1.00 17.97 ? 6  C   A P     1 
ATOM   106 O OP1   . C   A 1 6  ? -8.111  -5.090  0.180   1.00 23.19 ? 6  C   A OP1   1 
ATOM   107 O OP2   . C   A 1 6  ? -6.934  -3.343  -1.283  1.00 17.98 ? 6  C   A OP2   1 
ATOM   108 O "O5'" . C   A 1 6  ? -6.173  -5.683  -1.294  1.00 16.18 ? 6  C   A "O5'" 1 
ATOM   109 C "C5'" . C   A 1 6  ? -6.343  -7.084  -1.220  1.00 14.64 ? 6  C   A "C5'" 1 
ATOM   110 C "C4'" . C   A 1 6  ? -5.143  -7.776  -1.792  1.00 13.12 ? 6  C   A "C4'" 1 
ATOM   111 O "O4'" . C   A 1 6  ? -5.022  -7.454  -3.198  1.00 11.85 ? 6  C   A "O4'" 1 
ATOM   112 C "C3'" . C   A 1 6  ? -3.801  -7.351  -1.230  1.00 10.93 ? 6  C   A "C3'" 1 
ATOM   113 O "O3'" . C   A 1 6  ? -3.580  -7.966  0.036   1.00 11.78 ? 6  C   A "O3'" 1 
ATOM   114 C "C2'" . C   A 1 6  ? -2.885  -7.896  -2.311  1.00 10.08 ? 6  C   A "C2'" 1 
ATOM   115 O "O2'" . C   A 1 6  ? -2.831  -9.306  -2.244  1.00 13.02 ? 6  C   A "O2'" 1 
ATOM   116 C "C1'" . C   A 1 6  ? -3.658  -7.498  -3.568  1.00 7.95  ? 6  C   A "C1'" 1 
ATOM   117 N N1    . C   A 1 6  ? -3.268  -6.169  -4.043  1.00 3.15  ? 6  C   A N1    1 
ATOM   118 C C2    . C   A 1 6  ? -2.188  -6.077  -4.888  1.00 3.27  ? 6  C   A C2    1 
ATOM   119 O O2    . C   A 1 6  ? -1.647  -7.117  -5.265  1.00 5.05  ? 6  C   A O2    1 
ATOM   120 N N3    . C   A 1 6  ? -1.751  -4.869  -5.286  1.00 2.97  ? 6  C   A N3    1 
ATOM   121 C C4    . C   A 1 6  ? -2.378  -3.769  -4.869  1.00 4.96  ? 6  C   A C4    1 
ATOM   122 N N4    . C   A 1 6  ? -1.898  -2.580  -5.273  1.00 2.64  ? 6  C   A N4    1 
ATOM   123 C C5    . C   A 1 6  ? -3.519  -3.836  -4.022  1.00 2.00  ? 6  C   A C5    1 
ATOM   124 C C6    . C   A 1 6  ? -3.928  -5.050  -3.638  1.00 2.00  ? 6  C   A C6    1 
ATOM   125 P P     . U   A 1 7  ? -2.508  -7.342  1.058   1.00 13.27 ? 7  U   A P     1 
ATOM   126 O OP1   . U   A 1 7  ? -2.381  -8.301  2.177   1.00 13.40 ? 7  U   A OP1   1 
ATOM   127 O OP2   . U   A 1 7  ? -2.843  -5.934  1.331   1.00 11.66 ? 7  U   A OP2   1 
ATOM   128 O "O5'" . U   A 1 7  ? -1.135  -7.335  0.245   1.00 13.97 ? 7  U   A "O5'" 1 
ATOM   129 C "C5'" . U   A 1 7  ? -0.380  -8.537  0.108   1.00 9.39  ? 7  U   A "C5'" 1 
ATOM   130 C "C4'" . U   A 1 7  ? 0.879   -8.287  -0.677  1.00 8.54  ? 7  U   A "C4'" 1 
ATOM   131 O "O4'" . U   A 1 7  ? 0.556   -7.766  -1.988  1.00 5.97  ? 7  U   A "O4'" 1 
ATOM   132 C "C3'" . U   A 1 7  ? 1.838   -7.268  -0.102  1.00 5.18  ? 7  U   A "C3'" 1 
ATOM   133 O "O3'" . U   A 1 7  ? 2.606   -7.890  0.906   1.00 3.62  ? 7  U   A "O3'" 1 
ATOM   134 C "C2'" . U   A 1 7  ? 2.657   -6.926  -1.340  1.00 6.49  ? 7  U   A "C2'" 1 
ATOM   135 O "O2'" . U   A 1 7  ? 3.522   -7.960  -1.731  1.00 12.02 ? 7  U   A "O2'" 1 
ATOM   136 C "C1'" . U   A 1 7  ? 1.566   -6.863  -2.397  1.00 5.24  ? 7  U   A "C1'" 1 
ATOM   137 N N1    . U   A 1 7  ? 0.973   -5.529  -2.455  1.00 4.37  ? 7  U   A N1    1 
ATOM   138 C C2    . U   A 1 7  ? 1.667   -4.542  -3.112  1.00 2.21  ? 7  U   A C2    1 
ATOM   139 O O2    . U   A 1 7  ? 2.740   -4.728  -3.675  1.00 2.65  ? 7  U   A O2    1 
ATOM   140 N N3    . U   A 1 7  ? 1.061   -3.324  -3.107  1.00 2.00  ? 7  U   A N3    1 
ATOM   141 C C4    . U   A 1 7  ? -0.140  -3.004  -2.556  1.00 2.00  ? 7  U   A C4    1 
ATOM   142 O O4    . U   A 1 7  ? -0.572  -1.863  -2.691  1.00 8.07  ? 7  U   A O4    1 
ATOM   143 C C5    . U   A 1 7  ? -0.804  -4.081  -1.900  1.00 4.47  ? 7  U   A C5    1 
ATOM   144 C C6    . U   A 1 7  ? -0.232  -5.279  -1.870  1.00 3.36  ? 7  U   A C6    1 
ATOM   145 P P     . U   A 1 8  ? 3.542   -7.018  1.857   1.00 6.45  ? 8  U   A P     1 
ATOM   146 O OP1   . U   A 1 8  ? 3.793   -7.797  3.092   1.00 9.86  ? 8  U   A OP1   1 
ATOM   147 O OP2   . U   A 1 8  ? 2.986   -5.665  1.967   1.00 5.36  ? 8  U   A OP2   1 
ATOM   148 O "O5'" . U   A 1 8  ? 4.903   -6.906  1.039   1.00 7.28  ? 8  U   A "O5'" 1 
ATOM   149 C "C5'" . U   A 1 8  ? 5.774   -8.035  0.902   1.00 8.87  ? 8  U   A "C5'" 1 
ATOM   150 C "C4'" . U   A 1 8  ? 7.138   -7.584  0.448   1.00 9.05  ? 8  U   A "C4'" 1 
ATOM   151 O "O4'" . U   A 1 8  ? 7.012   -7.029  -0.879  1.00 9.03  ? 8  U   A "O4'" 1 
ATOM   152 C "C3'" . U   A 1 8  ? 7.772   -6.446  1.228   1.00 13.85 ? 8  U   A "C3'" 1 
ATOM   153 O "O3'" . U   A 1 8  ? 8.370   -6.912  2.428   1.00 19.04 ? 8  U   A "O3'" 1 
ATOM   154 C "C2'" . U   A 1 8  ? 8.781   -5.913  0.220   1.00 12.83 ? 8  U   A "C2'" 1 
ATOM   155 O "O2'" . U   A 1 8  ? 9.953   -6.704  0.074   1.00 15.88 ? 8  U   A "O2'" 1 
ATOM   156 C "C1'" . U   A 1 8  ? 7.963   -6.005  -1.061  1.00 9.13  ? 8  U   A "C1'" 1 
ATOM   157 N N1    . U   A 1 8  ? 7.252   -4.763  -1.384  1.00 6.21  ? 8  U   A N1    1 
ATOM   158 C C2    . U   A 1 8  ? 7.980   -3.795  -2.016  1.00 7.12  ? 8  U   A C2    1 
ATOM   159 O O2    . U   A 1 8  ? 9.167   -3.933  -2.301  1.00 10.82 ? 8  U   A O2    1 
ATOM   160 N N3    . U   A 1 8  ? 7.284   -2.659  -2.309  1.00 4.92  ? 8  U   A N3    1 
ATOM   161 C C4    . U   A 1 8  ? 5.974   -2.401  -2.037  1.00 3.72  ? 8  U   A C4    1 
ATOM   162 O O4    . U   A 1 8  ? 5.487   -1.325  -2.387  1.00 4.84  ? 8  U   A O4    1 
ATOM   163 C C5    . U   A 1 8  ? 5.287   -3.455  -1.371  1.00 2.00  ? 8  U   A C5    1 
ATOM   164 C C6    . U   A 1 8  ? 5.937   -4.574  -1.076  1.00 2.20  ? 8  U   A C6    1 
ATOM   165 P P     . C   A 1 9  ? 8.331   -6.001  3.747   1.00 19.35 ? 9  C   A P     1 
ATOM   166 O OP1   . C   A 1 9  ? 8.661   -6.907  4.873   1.00 23.98 ? 9  C   A OP1   1 
ATOM   167 O OP2   . C   A 1 9  ? 7.085   -5.173  3.803   1.00 20.88 ? 9  C   A OP2   1 
ATOM   168 O "O5'" . C   A 1 9  ? 9.519   -4.975  3.529   1.00 18.62 ? 9  C   A "O5'" 1 
ATOM   169 C "C5'" . C   A 1 9  ? 10.722  -5.374  2.871   1.00 17.89 ? 9  C   A "C5'" 1 
ATOM   170 C "C4'" . C   A 1 9  ? 11.483  -4.152  2.427   1.00 17.68 ? 9  C   A "C4'" 1 
ATOM   171 O "O4'" . C   A 1 9  ? 10.961  -3.646  1.172   1.00 18.07 ? 9  C   A "O4'" 1 
ATOM   172 C "C3'" . C   A 1 9  ? 11.360  -2.972  3.361   1.00 18.35 ? 9  C   A "C3'" 1 
ATOM   173 O "O3'" . C   A 1 9  ? 12.207  -3.137  4.486   1.00 21.81 ? 9  C   A "O3'" 1 
ATOM   174 C "C2'" . C   A 1 9  ? 11.764  -1.828  2.448   1.00 17.31 ? 9  C   A "C2'" 1 
ATOM   175 O "O2'" . C   A 1 9  ? 13.164  -1.825  2.234   1.00 22.16 ? 9  C   A "O2'" 1 
ATOM   176 C "C1'" . C   A 1 9  ? 11.064  -2.233  1.150   1.00 14.92 ? 9  C   A "C1'" 1 
ATOM   177 N N1    . C   A 1 9  ? 9.742   -1.700  0.962   1.00 13.68 ? 9  C   A N1    1 
ATOM   178 C C2    . C   A 1 9  ? 9.603   -0.470  0.301   1.00 14.43 ? 9  C   A C2    1 
ATOM   179 O O2    . C   A 1 9  ? 10.606  0.068   -0.182  1.00 16.46 ? 9  C   A O2    1 
ATOM   180 N N3    . C   A 1 9  ? 8.374   0.091   0.191   1.00 13.29 ? 9  C   A N3    1 
ATOM   181 C C4    . C   A 1 9  ? 7.307   -0.550  0.681   1.00 13.69 ? 9  C   A C4    1 
ATOM   182 N N4    . C   A 1 9  ? 6.106   0.040   0.553   1.00 15.23 ? 9  C   A N4    1 
ATOM   183 C C5    . C   A 1 9  ? 7.416   -1.821  1.322   1.00 12.33 ? 9  C   A C5    1 
ATOM   184 C C6    . C   A 1 9  ? 8.642   -2.351  1.443   1.00 11.54 ? 9  C   A C6    1 
ATOM   185 P P     . G   A 1 10 ? 11.951  -2.259  5.803   1.00 24.22 ? 10 G   A P     1 
ATOM   186 O OP1   . G   A 1 10 ? 13.150  -2.413  6.654   1.00 28.00 ? 10 G   A OP1   1 
ATOM   187 O OP2   . G   A 1 10 ? 10.595  -2.468  6.386   1.00 24.15 ? 10 G   A OP2   1 
ATOM   188 O "O5'" . G   A 1 10 ? 11.945  -0.792  5.223   1.00 22.60 ? 10 G   A "O5'" 1 
ATOM   189 C "C5'" . G   A 1 10 ? 11.332  0.257   5.944   1.00 18.29 ? 10 G   A "C5'" 1 
ATOM   190 C "C4'" . G   A 1 10 ? 11.602  1.552   5.249   1.00 13.87 ? 10 G   A "C4'" 1 
ATOM   191 O "O4'" . G   A 1 10 ? 11.219  1.419   3.863   1.00 11.37 ? 10 G   A "O4'" 1 
ATOM   192 C "C3'" . G   A 1 10 ? 10.788  2.709   5.773   1.00 13.46 ? 10 G   A "C3'" 1 
ATOM   193 O "O3'" . G   A 1 10 ? 11.439  3.288   6.887   1.00 11.71 ? 10 G   A "O3'" 1 
ATOM   194 C "C2'" . G   A 1 10 ? 10.715  3.607   4.553   1.00 12.36 ? 10 G   A "C2'" 1 
ATOM   195 O "O2'" . G   A 1 10 ? 11.933  4.275   4.317   1.00 16.28 ? 10 G   A "O2'" 1 
ATOM   196 C "C1'" . G   A 1 10 ? 10.497  2.562   3.460   1.00 11.16 ? 10 G   A "C1'" 1 
ATOM   197 N N9    . G   A 1 10 ? 9.120   2.116   3.181   1.00 9.31  ? 10 G   A N9    1 
ATOM   198 C C8    . G   A 1 10 ? 8.575   0.923   3.592   1.00 7.19  ? 10 G   A C8    1 
ATOM   199 N N7    . G   A 1 10 ? 7.270   0.921   3.562   1.00 7.35  ? 10 G   A N7    1 
ATOM   200 C C5    . G   A 1 10 ? 6.941   2.184   3.086   1.00 7.75  ? 10 G   A C5    1 
ATOM   201 C C6    . G   A 1 10 ? 5.689   2.767   2.858   1.00 8.20  ? 10 G   A C6    1 
ATOM   202 O O6    . G   A 1 10 ? 4.587   2.264   3.008   1.00 11.95 ? 10 G   A O6    1 
ATOM   203 N N1    . G   A 1 10 ? 5.800   4.081   2.410   1.00 8.98  ? 10 G   A N1    1 
ATOM   204 C C2    . G   A 1 10 ? 6.985   4.740   2.196   1.00 7.64  ? 10 G   A C2    1 
ATOM   205 N N2    . G   A 1 10 ? 6.904   6.030   1.814   1.00 7.02  ? 10 G   A N2    1 
ATOM   206 N N3    . G   A 1 10 ? 8.167   4.185   2.368   1.00 6.78  ? 10 G   A N3    1 
ATOM   207 C C4    . G   A 1 10 ? 8.071   2.922   2.828   1.00 7.25  ? 10 G   A C4    1 
ATOM   208 P P     . G   A 1 11 ? 10.563  3.964   8.025   1.00 14.84 ? 11 G   A P     1 
ATOM   209 O OP1   . G   A 1 11 ? 11.472  4.555   9.039   1.00 16.05 ? 11 G   A OP1   1 
ATOM   210 O OP2   . G   A 1 11 ? 9.536   2.964   8.447   1.00 14.70 ? 11 G   A OP2   1 
ATOM   211 O "O5'" . G   A 1 11 ? 9.814   5.127   7.237   1.00 9.78  ? 11 G   A "O5'" 1 
ATOM   212 C "C5'" . G   A 1 11 ? 10.501  6.309   6.872   1.00 6.44  ? 11 G   A "C5'" 1 
ATOM   213 C "C4'" . G   A 1 11 ? 9.510   7.381   6.526   1.00 5.67  ? 11 G   A "C4'" 1 
ATOM   214 O "O4'" . G   A 1 11 ? 8.830   7.026   5.299   1.00 2.72  ? 11 G   A "O4'" 1 
ATOM   215 C "C3'" . G   A 1 11 ? 8.375   7.558   7.507   1.00 4.76  ? 11 G   A "C3'" 1 
ATOM   216 O "O3'" . G   A 1 11 ? 8.749   8.373   8.595   1.00 7.97  ? 11 G   A "O3'" 1 
ATOM   217 C "C2'" . G   A 1 11 ? 7.359   8.258   6.634   1.00 4.91  ? 11 G   A "C2'" 1 
ATOM   218 O "O2'" . G   A 1 11 ? 7.700   9.594   6.363   1.00 8.62  ? 11 G   A "O2'" 1 
ATOM   219 C "C1'" . G   A 1 11 ? 7.482   7.432   5.369   1.00 2.00  ? 11 G   A "C1'" 1 
ATOM   220 N N9    . G   A 1 11 ? 6.712   6.042   5.594   1.00 2.00  ? 11 G   A N9    1 
ATOM   221 C C8    . G   A 1 11 ? 7.112   4.762   5.864   1.00 2.17  ? 11 G   A C8    1 
ATOM   222 N N7    . G   A 1 11 ? 6.113   3.937   6.002   1.00 4.06  ? 11 G   A N7    1 
ATOM   223 C C5    . G   A 1 11 ? 4.988   4.725   5.806   1.00 2.00  ? 11 G   A C5    1 
ATOM   224 C C6    . G   A 1 11 ? 3.613   4.389   5.847   1.00 3.54  ? 11 G   A C6    1 
ATOM   225 O O6    . G   A 1 11 ? 3.091   3.280   6.084   1.00 2.75  ? 11 G   A O6    1 
ATOM   226 N N1    . G   A 1 11 ? 2.813   5.502   5.590   1.00 4.77  ? 11 G   A N1    1 
ATOM   227 C C2    . G   A 1 11 ? 3.288   6.770   5.349   1.00 4.42  ? 11 G   A C2    1 
ATOM   228 N N2    . G   A 1 11 ? 2.387   7.721   5.148   1.00 6.12  ? 11 G   A N2    1 
ATOM   229 N N3    . G   A 1 11 ? 4.557   7.087   5.312   1.00 2.00  ? 11 G   A N3    1 
ATOM   230 C C4    . G   A 1 11 ? 5.347   6.022   5.546   1.00 2.00  ? 11 G   A C4    1 
ATOM   231 P P     . U   A 1 12 ? 8.015   8.197   10.015  1.00 7.39  ? 12 U   A P     1 
ATOM   232 O OP1   . U   A 1 12 ? 8.571   9.279   10.851  1.00 9.09  ? 12 U   A OP1   1 
ATOM   233 O OP2   . U   A 1 12 ? 8.113   6.798   10.464  1.00 6.95  ? 12 U   A OP2   1 
ATOM   234 O "O5'" . U   A 1 12 ? 6.490   8.545   9.728   1.00 8.60  ? 12 U   A "O5'" 1 
ATOM   235 C "C5'" . U   A 1 12 ? 6.109   9.901   9.448   1.00 11.66 ? 12 U   A "C5'" 1 
ATOM   236 C "C4'" . U   A 1 12 ? 4.610   10.029  9.330   1.00 10.90 ? 12 U   A "C4'" 1 
ATOM   237 O "O4'" . U   A 1 12 ? 4.123   9.107   8.320   1.00 8.82  ? 12 U   A "O4'" 1 
ATOM   238 C "C3'" . U   A 1 12 ? 3.807   9.666   10.559  1.00 10.84 ? 12 U   A "C3'" 1 
ATOM   239 O "O3'" . U   A 1 12 ? 3.863   10.663  11.578  1.00 12.92 ? 12 U   A "O3'" 1 
ATOM   240 C "C2'" . U   A 1 12 ? 2.441   9.431   9.945   1.00 10.97 ? 12 U   A "C2'" 1 
ATOM   241 O "O2'" . U   A 1 12 ? 1.838   10.664  9.599   1.00 15.00 ? 12 U   A "O2'" 1 
ATOM   242 C "C1'" . U   A 1 12 ? 2.825   8.670   8.672   1.00 8.75  ? 12 U   A "C1'" 1 
ATOM   243 N N1    . U   A 1 12 ? 2.861   7.211   8.843   1.00 7.32  ? 12 U   A N1    1 
ATOM   244 C C2    . U   A 1 12 ? 1.681   6.545   8.993   1.00 7.07  ? 12 U   A C2    1 
ATOM   245 O O2    . U   A 1 12 ? 0.617   7.104   9.009   1.00 11.29 ? 12 U   A O2    1 
ATOM   246 N N3    . U   A 1 12 ? 1.790   5.189   9.131   1.00 7.13  ? 12 U   A N3    1 
ATOM   247 C C4    . U   A 1 12 ? 2.938   4.459   9.149   1.00 5.70  ? 12 U   A C4    1 
ATOM   248 O O4    . U   A 1 12 ? 2.874   3.242   9.284   1.00 9.82  ? 12 U   A O4    1 
ATOM   249 C C5    . U   A 1 12 ? 4.121   5.216   9.003   1.00 5.69  ? 12 U   A C5    1 
ATOM   250 C C6    . U   A 1 12 ? 4.045   6.536   8.854   1.00 7.39  ? 12 U   A C6    1 
ATOM   251 O "O5'" . G   B 1 1  ? 3.627   -9.386  17.046  1.00 25.14 ? 13 G   B "O5'" 1 
ATOM   252 C "C5'" . G   B 1 1  ? 3.280   -10.734 17.385  1.00 22.16 ? 13 G   B "C5'" 1 
ATOM   253 C "C4'" . G   B 1 1  ? 2.149   -10.787 18.386  1.00 23.26 ? 13 G   B "C4'" 1 
ATOM   254 O "O4'" . G   B 1 1  ? 2.535   -10.064 19.586  1.00 23.30 ? 13 G   B "O4'" 1 
ATOM   255 C "C3'" . G   B 1 1  ? 0.848   -10.123 17.968  1.00 23.91 ? 13 G   B "C3'" 1 
ATOM   256 O "O3'" . G   B 1 1  ? 0.074   -10.990 17.129  1.00 28.64 ? 13 G   B "O3'" 1 
ATOM   257 C "C2'" . G   B 1 1  ? 0.197   -9.859  19.325  1.00 21.70 ? 13 G   B "C2'" 1 
ATOM   258 O "O2'" . G   B 1 1  ? -0.325  -11.005 19.957  1.00 19.89 ? 13 G   B "O2'" 1 
ATOM   259 C "C1'" . G   B 1 1  ? 1.404   -9.418  20.144  1.00 18.72 ? 13 G   B "C1'" 1 
ATOM   260 N N9    . G   B 1 1  ? 1.655   -7.990  20.066  1.00 14.63 ? 13 G   B N9    1 
ATOM   261 C C8    . G   B 1 1  ? 2.734   -7.334  19.531  1.00 15.76 ? 13 G   B C8    1 
ATOM   262 N N7    . G   B 1 1  ? 2.631   -6.036  19.609  1.00 15.37 ? 13 G   B N7    1 
ATOM   263 C C5    . G   B 1 1  ? 1.407   -5.827  20.227  1.00 12.25 ? 13 G   B C5    1 
ATOM   264 C C6    . G   B 1 1  ? 0.756   -4.636  20.564  1.00 11.42 ? 13 G   B C6    1 
ATOM   265 O O6    . G   B 1 1  ? 1.126   -3.485  20.372  1.00 8.55  ? 13 G   B O6    1 
ATOM   266 N N1    . G   B 1 1  ? -0.460  -4.877  21.184  1.00 12.72 ? 13 G   B N1    1 
ATOM   267 C C2    . G   B 1 1  ? -0.981  -6.112  21.435  1.00 12.58 ? 13 G   B C2    1 
ATOM   268 N N2    . G   B 1 1  ? -2.172  -6.138  22.044  1.00 14.10 ? 13 G   B N2    1 
ATOM   269 N N3    . G   B 1 1  ? -0.386  -7.236  21.113  1.00 12.35 ? 13 G   B N3    1 
ATOM   270 C C4    . G   B 1 1  ? 0.797   -7.024  20.516  1.00 12.51 ? 13 G   B C4    1 
ATOM   271 P P     . A   B 1 2  ? -0.715  -10.392 15.846  1.00 28.19 ? 14 A   B P     1 
ATOM   272 O OP1   . A   B 1 2  ? -1.268  -11.563 15.125  1.00 30.53 ? 14 A   B OP1   1 
ATOM   273 O OP2   . A   B 1 2  ? 0.150   -9.416  15.122  1.00 27.17 ? 14 A   B OP2   1 
ATOM   274 O "O5'" . A   B 1 2  ? -1.947  -9.606  16.477  1.00 27.19 ? 14 A   B "O5'" 1 
ATOM   275 C "C5'" . A   B 1 2  ? -2.913  -10.303 17.288  1.00 22.90 ? 14 A   B "C5'" 1 
ATOM   276 C "C4'" . A   B 1 2  ? -3.912  -9.334  17.881  1.00 20.43 ? 14 A   B "C4'" 1 
ATOM   277 O "O4'" . A   B 1 2  ? -3.238  -8.452  18.815  1.00 20.51 ? 14 A   B "O4'" 1 
ATOM   278 C "C3'" . A   B 1 2  ? -4.589  -8.383  16.908  1.00 19.82 ? 14 A   B "C3'" 1 
ATOM   279 O "O3'" . A   B 1 2  ? -5.694  -9.012  16.264  1.00 21.24 ? 14 A   B "O3'" 1 
ATOM   280 C "C2'" . A   B 1 2  ? -5.045  -7.284  17.852  1.00 20.26 ? 14 A   B "C2'" 1 
ATOM   281 O "O2'" . A   B 1 2  ? -6.151  -7.712  18.629  1.00 19.95 ? 14 A   B "O2'" 1 
ATOM   282 C "C1'" . A   B 1 2  ? -3.829  -7.167  18.770  1.00 16.54 ? 14 A   B "C1'" 1 
ATOM   283 N N9    . A   B 1 2  ? -2.810  -6.211  18.329  1.00 12.91 ? 14 A   B N9    1 
ATOM   284 C C8    . A   B 1 2  ? -1.583  -6.422  17.739  1.00 8.89  ? 14 A   B C8    1 
ATOM   285 N N7    . A   B 1 2  ? -0.899  -5.316  17.535  1.00 8.57  ? 14 A   B N7    1 
ATOM   286 C C5    . A   B 1 2  ? -1.736  -4.313  18.005  1.00 8.85  ? 14 A   B C5    1 
ATOM   287 C C6    . A   B 1 2  ? -1.588  -2.915  18.103  1.00 9.26  ? 14 A   B C6    1 
ATOM   288 N N6    . A   B 1 2  ? -0.518  -2.247  17.696  1.00 6.51  ? 14 A   B N6    1 
ATOM   289 N N1    . A   B 1 2  ? -2.601  -2.212  18.652  1.00 11.12 ? 14 A   B N1    1 
ATOM   290 C C2    . A   B 1 2  ? -3.693  -2.873  19.059  1.00 11.35 ? 14 A   B C2    1 
ATOM   291 N N3    . A   B 1 2  ? -3.952  -4.179  19.020  1.00 13.07 ? 14 A   B N3    1 
ATOM   292 C C4    . A   B 1 2  ? -2.921  -4.850  18.481  1.00 11.83 ? 14 A   B C4    1 
ATOM   293 P P     . U   B 1 3  ? -5.996  -8.706  14.714  1.00 19.07 ? 15 U   B P     1 
ATOM   294 O OP1   . U   B 1 3  ? -6.882  -9.763  14.192  1.00 24.15 ? 15 U   B OP1   1 
ATOM   295 O OP2   . U   B 1 3  ? -4.714  -8.416  14.026  1.00 21.11 ? 15 U   B OP2   1 
ATOM   296 O "O5'" . U   B 1 3  ? -6.821  -7.353  14.749  1.00 19.28 ? 15 U   B "O5'" 1 
ATOM   297 C "C5'" . U   B 1 3  ? -8.016  -7.250  15.520  1.00 14.99 ? 15 U   B "C5'" 1 
ATOM   298 C "C4'" . U   B 1 3  ? -8.365  -5.801  15.727  1.00 14.15 ? 15 U   B "C4'" 1 
ATOM   299 O "O4'" . U   B 1 3  ? -7.343  -5.179  16.545  1.00 14.67 ? 15 U   B "O4'" 1 
ATOM   300 C "C3'" . U   B 1 3  ? -8.350  -4.935  14.481  1.00 12.59 ? 15 U   B "C3'" 1 
ATOM   301 O "O3'" . U   B 1 3  ? -9.530  -5.049  13.723  1.00 12.38 ? 15 U   B "O3'" 1 
ATOM   302 C "C2'" . U   B 1 3  ? -8.257  -3.552  15.083  1.00 13.12 ? 15 U   B "C2'" 1 
ATOM   303 O "O2'" . U   B 1 3  ? -9.519  -3.161  15.586  1.00 13.86 ? 15 U   B "O2'" 1 
ATOM   304 C "C1'" . U   B 1 3  ? -7.245  -3.800  16.204  1.00 12.70 ? 15 U   B "C1'" 1 
ATOM   305 N N1    . U   B 1 3  ? -5.865  -3.522  15.783  1.00 10.57 ? 15 U   B N1    1 
ATOM   306 C C2    . U   B 1 3  ? -5.440  -2.217  15.869  1.00 10.36 ? 15 U   B C2    1 
ATOM   307 O O2    . U   B 1 3  ? -6.162  -1.324  16.260  1.00 9.53  ? 15 U   B O2    1 
ATOM   308 N N3    . U   B 1 3  ? -4.140  -1.997  15.482  1.00 9.13  ? 15 U   B N3    1 
ATOM   309 C C4    . U   B 1 3  ? -3.239  -2.940  15.036  1.00 10.66 ? 15 U   B C4    1 
ATOM   310 O O4    . U   B 1 3  ? -2.081  -2.597  14.810  1.00 12.22 ? 15 U   B O4    1 
ATOM   311 C C5    . U   B 1 3  ? -3.756  -4.274  14.961  1.00 8.71  ? 15 U   B C5    1 
ATOM   312 C C6    . U   B 1 3  ? -5.023  -4.513  15.326  1.00 9.69  ? 15 U   B C6    1 
ATOM   313 P P     . C   B 1 4  ? -9.466  -4.845  12.134  1.00 11.40 ? 16 C   B P     1 
ATOM   314 O OP1   . C   B 1 4  ? -10.789 -5.296  11.651  1.00 19.22 ? 16 C   B OP1   1 
ATOM   315 O OP2   . C   B 1 4  ? -8.241  -5.433  11.554  1.00 9.51  ? 16 C   B OP2   1 
ATOM   316 O "O5'" . C   B 1 4  ? -9.371  -3.269  11.954  1.00 10.74 ? 16 C   B "O5'" 1 
ATOM   317 C "C5'" . C   B 1 4  ? -10.435 -2.419  12.392  1.00 7.45  ? 16 C   B "C5'" 1 
ATOM   318 C "C4'" . C   B 1 4  ? -10.076 -0.977  12.170  1.00 4.77  ? 16 C   B "C4'" 1 
ATOM   319 O "O4'" . C   B 1 4  ? -9.018  -0.595  13.083  1.00 5.80  ? 16 C   B "O4'" 1 
ATOM   320 C "C3'" . C   B 1 4  ? -9.479  -0.636  10.825  1.00 5.34  ? 16 C   B "C3'" 1 
ATOM   321 O "O3'" . C   B 1 4  ? -10.458 -0.550  9.802   1.00 9.24  ? 16 C   B "O3'" 1 
ATOM   322 C "C2'" . C   B 1 4  ? -8.848  0.713   11.137  1.00 6.10  ? 16 C   B "C2'" 1 
ATOM   323 O "O2'" . C   B 1 4  ? -9.835  1.718   11.292  1.00 10.77 ? 16 C   B "O2'" 1 
ATOM   324 C "C1'" . C   B 1 4  ? -8.208  0.414   12.489  1.00 5.81  ? 16 C   B "C1'" 1 
ATOM   325 N N1    . C   B 1 4  ? -6.834  -0.110  12.374  1.00 3.80  ? 16 C   B N1    1 
ATOM   326 C C2    . C   B 1 4  ? -5.768  0.774   12.408  1.00 4.43  ? 16 C   B C2    1 
ATOM   327 O O2    . C   B 1 4  ? -6.000  1.981   12.522  1.00 11.95 ? 16 C   B O2    1 
ATOM   328 N N3    . C   B 1 4  ? -4.507  0.299   12.314  1.00 3.15  ? 16 C   B N3    1 
ATOM   329 C C4    . C   B 1 4  ? -4.302  -1.015  12.186  1.00 2.93  ? 16 C   B C4    1 
ATOM   330 N N4    . C   B 1 4  ? -3.050  -1.452  12.088  1.00 2.00  ? 16 C   B N4    1 
ATOM   331 C C5    . C   B 1 4  ? -5.371  -1.940  12.148  1.00 2.00  ? 16 C   B C5    1 
ATOM   332 C C6    . C   B 1 4  ? -6.611  -1.449  12.241  1.00 5.14  ? 16 C   B C6    1 
ATOM   333 P P     . A   B 1 5  ? -9.988  -0.432  8.272   1.00 6.65  ? 17 A   B P     1 
ATOM   334 O OP1   . A   B 1 5  ? -11.139 -0.022  7.474   1.00 13.38 ? 17 A   B OP1   1 
ATOM   335 O OP2   . A   B 1 5  ? -9.268  -1.660  7.916   1.00 5.13  ? 17 A   B OP2   1 
ATOM   336 O "O5'" . A   B 1 5  ? -9.015  0.819   8.364   1.00 7.33  ? 17 A   B "O5'" 1 
ATOM   337 C "C5'" . A   B 1 5  ? -8.104  1.162   7.331   1.00 7.77  ? 17 A   B "C5'" 1 
ATOM   338 C "C4'" . A   B 1 5  ? -7.711  2.609   7.490   1.00 6.04  ? 17 A   B "C4'" 1 
ATOM   339 O "O4'" . A   B 1 5  ? -7.022  2.770   8.753   1.00 7.87  ? 17 A   B "O4'" 1 
ATOM   340 C "C3'" . A   B 1 5  ? -6.729  3.155   6.491   1.00 4.90  ? 17 A   B "C3'" 1 
ATOM   341 O "O3'" . A   B 1 5  ? -7.402  3.545   5.331   1.00 7.52  ? 17 A   B "O3'" 1 
ATOM   342 C "C2'" . A   B 1 5  ? -6.208  4.354   7.243   1.00 6.00  ? 17 A   B "C2'" 1 
ATOM   343 O "O2'" . A   B 1 5  ? -7.224  5.332   7.329   1.00 5.75  ? 17 A   B "O2'" 1 
ATOM   344 C "C1'" . A   B 1 5  ? -5.993  3.736   8.620   1.00 5.75  ? 17 A   B "C1'" 1 
ATOM   345 N N9    . A   B 1 5  ? -4.668  3.051   8.742   1.00 4.05  ? 17 A   B N9    1 
ATOM   346 C C8    . A   B 1 5  ? -4.396  1.706   8.749   1.00 2.00  ? 17 A   B C8    1 
ATOM   347 N N7    . A   B 1 5  ? -3.116  1.422   8.823   1.00 2.00  ? 17 A   B N7    1 
ATOM   348 C C5    . A   B 1 5  ? -2.506  2.666   8.881   1.00 2.80  ? 17 A   B C5    1 
ATOM   349 C C6    . A   B 1 5  ? -1.161  3.055   8.965   1.00 2.90  ? 17 A   B C6    1 
ATOM   350 N N6    . A   B 1 5  ? -0.143  2.203   9.016   1.00 2.00  ? 17 A   B N6    1 
ATOM   351 N N1    . A   B 1 5  ? -0.891  4.375   9.000   1.00 5.06  ? 17 A   B N1    1 
ATOM   352 C C2    . A   B 1 5  ? -1.906  5.239   8.963   1.00 4.70  ? 17 A   B C2    1 
ATOM   353 N N3    . A   B 1 5  ? -3.212  5.000   8.888   1.00 8.94  ? 17 A   B N3    1 
ATOM   354 C C4    . A   B 1 5  ? -3.448  3.676   8.846   1.00 4.89  ? 17 A   B C4    1 
ATOM   355 P P     . C   B 1 6  ? -6.633  3.506   3.931   1.00 10.57 ? 18 C   B P     1 
ATOM   356 O OP1   . C   B 1 6  ? -7.602  3.778   2.843   1.00 8.12  ? 18 C   B OP1   1 
ATOM   357 O OP2   . C   B 1 6  ? -5.819  2.272   3.904   1.00 8.80  ? 18 C   B OP2   1 
ATOM   358 O "O5'" . C   B 1 6  ? -5.642  4.737   4.034   1.00 8.54  ? 18 C   B "O5'" 1 
ATOM   359 C "C5'" . C   B 1 6  ? -6.146  6.053   3.946   1.00 5.03  ? 18 C   B "C5'" 1 
ATOM   360 C "C4'" . C   B 1 6  ? -5.027  7.033   4.081   1.00 6.11  ? 18 C   B "C4'" 1 
ATOM   361 O "O4'" . C   B 1 6  ? -4.301  6.742   5.296   1.00 4.95  ? 18 C   B "O4'" 1 
ATOM   362 C "C3'" . C   B 1 6  ? -3.928  6.962   3.041   1.00 9.51  ? 18 C   B "C3'" 1 
ATOM   363 O "O3'" . C   B 1 6  ? -4.316  7.598   1.830   1.00 15.93 ? 18 C   B "O3'" 1 
ATOM   364 C "C2'" . C   B 1 6  ? -2.848  7.750   3.758   1.00 9.56  ? 18 C   B "C2'" 1 
ATOM   365 O "O2'" . C   B 1 6  ? -3.193  9.126   3.854   1.00 12.74 ? 18 C   B "O2'" 1 
ATOM   366 C "C1'" . C   B 1 6  ? -2.954  7.140   5.148   1.00 6.61  ? 18 C   B "C1'" 1 
ATOM   367 N N1    . C   B 1 6  ? -2.103  5.954   5.297   1.00 4.50  ? 18 C   B N1    1 
ATOM   368 C C2    . C   B 1 6  ? -0.742  6.133   5.491   1.00 3.87  ? 18 C   B C2    1 
ATOM   369 O O2    . C   B 1 6  ? -0.298  7.281   5.528   1.00 3.57  ? 18 C   B O2    1 
ATOM   370 N N3    . C   B 1 6  ? 0.055   5.055   5.637   1.00 3.45  ? 18 C   B N3    1 
ATOM   371 C C4    . C   B 1 6  ? -0.478  3.836   5.608   1.00 3.02  ? 18 C   B C4    1 
ATOM   372 N N4    . C   B 1 6  ? 0.330   2.787   5.808   1.00 2.09  ? 18 C   B N4    1 
ATOM   373 C C5    . C   B 1 6  ? -1.864  3.629   5.391   1.00 2.00  ? 18 C   B C5    1 
ATOM   374 C C6    . C   B 1 6  ? -2.633  4.704   5.245   1.00 2.00  ? 18 C   B C6    1 
ATOM   375 P P     . U   B 1 7  ? -3.751  7.060   0.431   1.00 15.72 ? 19 U   B P     1 
ATOM   376 O OP1   . U   B 1 7  ? -4.302  7.960   -0.608  1.00 21.11 ? 19 U   B OP1   1 
ATOM   377 O OP2   . U   B 1 7  ? -3.995  5.598   0.344   1.00 15.28 ? 19 U   B OP2   1 
ATOM   378 O "O5'" . U   B 1 7  ? -2.186  7.311   0.543   1.00 16.34 ? 19 U   B "O5'" 1 
ATOM   379 C "C5'" . U   B 1 7  ? -1.665  8.646   0.613   1.00 12.76 ? 19 U   B "C5'" 1 
ATOM   380 C "C4'" . U   B 1 7  ? -0.162  8.619   0.761   1.00 9.81  ? 19 U   B "C4'" 1 
ATOM   381 O "O4'" . U   B 1 7  ? 0.205   7.996   2.017   1.00 6.75  ? 19 U   B "O4'" 1 
ATOM   382 C "C3'" . U   B 1 7  ? 0.601   7.793   -0.258  1.00 9.58  ? 19 U   B "C3'" 1 
ATOM   383 O "O3'" . U   B 1 7  ? 0.689   8.495   -1.485  1.00 9.31  ? 19 U   B "O3'" 1 
ATOM   384 C "C2'" . U   B 1 7  ? 1.939   7.640   0.457   1.00 10.02 ? 19 U   B "C2'" 1 
ATOM   385 O "O2'" . U   B 1 7  ? 2.726   8.812   0.481   1.00 11.99 ? 19 U   B "O2'" 1 
ATOM   386 C "C1'" . U   B 1 7  ? 1.464   7.372   1.879   1.00 5.17  ? 19 U   B "C1'" 1 
ATOM   387 N N1    . U   B 1 7  ? 1.267   5.945   2.067   1.00 2.74  ? 19 U   B N1    1 
ATOM   388 C C2    . U   B 1 7  ? 2.379   5.183   2.242   1.00 2.64  ? 19 U   B C2    1 
ATOM   389 O O2    . U   B 1 7  ? 3.503   5.648   2.278   1.00 3.84  ? 19 U   B O2    1 
ATOM   390 N N3    . U   B 1 7  ? 2.136   3.850   2.383   1.00 2.00  ? 19 U   B N3    1 
ATOM   391 C C4    . U   B 1 7  ? 0.916   3.226   2.380   1.00 2.00  ? 19 U   B C4    1 
ATOM   392 O O4    . U   B 1 7  ? 0.868   2.001   2.508   1.00 4.08  ? 19 U   B O4    1 
ATOM   393 C C5    . U   B 1 7  ? -0.193  4.096   2.208   1.00 2.00  ? 19 U   B C5    1 
ATOM   394 C C6    . U   B 1 7  ? 0.020   5.400   2.059   1.00 2.84  ? 19 U   B C6    1 
ATOM   395 P P     . U   B 1 8  ? 1.090   7.720   -2.823  1.00 9.98  ? 20 U   B P     1 
ATOM   396 O OP1   . U   B 1 8  ? 0.506   8.508   -3.918  1.00 12.18 ? 20 U   B OP1   1 
ATOM   397 O OP2   . U   B 1 8  ? 0.753   6.291   -2.699  1.00 7.83  ? 20 U   B OP2   1 
ATOM   398 O "O5'" . U   B 1 8  ? 2.682   7.865   -2.864  1.00 10.91 ? 20 U   B "O5'" 1 
ATOM   399 C "C5'" . U   B 1 8  ? 3.296   9.167   -2.945  1.00 6.62  ? 20 U   B "C5'" 1 
ATOM   400 C "C4'" . U   B 1 8  ? 4.783   9.047   -3.201  1.00 5.48  ? 20 U   B "C4'" 1 
ATOM   401 O "O4'" . U   B 1 8  ? 5.472   8.569   -2.018  1.00 6.56  ? 20 U   B "O4'" 1 
ATOM   402 C "C3'" . U   B 1 8  ? 5.184   8.065   -4.275  1.00 6.80  ? 20 U   B "C3'" 1 
ATOM   403 O "O3'" . U   B 1 8  ? 5.015   8.607   -5.564  1.00 6.38  ? 20 U   B "O3'" 1 
ATOM   404 C "C2'" . U   B 1 8  ? 6.637   7.794   -3.927  1.00 6.22  ? 20 U   B "C2'" 1 
ATOM   405 O "O2'" . U   B 1 8  ? 7.507   8.803   -4.393  1.00 5.52  ? 20 U   B "O2'" 1 
ATOM   406 C "C1'" . U   B 1 8  ? 6.566   7.753   -2.396  1.00 4.10  ? 20 U   B "C1'" 1 
ATOM   407 N N1    . U   B 1 8  ? 6.283   6.411   -1.881  1.00 2.00  ? 20 U   B N1    1 
ATOM   408 C C2    . U   B 1 8  ? 7.313   5.531   -1.773  1.00 2.00  ? 20 U   B C2    1 
ATOM   409 O O2    . U   B 1 8  ? 8.450   5.824   -2.053  1.00 3.94  ? 20 U   B O2    1 
ATOM   410 N N3    . U   B 1 8  ? 6.968   4.287   -1.312  1.00 2.00  ? 20 U   B N3    1 
ATOM   411 C C4    . U   B 1 8  ? 5.719   3.860   -0.940  1.00 2.00  ? 20 U   B C4    1 
ATOM   412 O O4    . U   B 1 8  ? 5.557   2.687   -0.576  1.00 3.79  ? 20 U   B O4    1 
ATOM   413 C C5    . U   B 1 8  ? 4.704   4.841   -1.061  1.00 2.00  ? 20 U   B C5    1 
ATOM   414 C C6    . U   B 1 8  ? 5.010   6.055   -1.520  1.00 2.38  ? 20 U   B C6    1 
ATOM   415 P P     . C   B 1 9  ? 4.724   7.624   -6.787  1.00 5.83  ? 21 C   B P     1 
ATOM   416 O OP1   . C   B 1 9  ? 4.539   8.447   -8.003  1.00 14.00 ? 21 C   B OP1   1 
ATOM   417 O OP2   . C   B 1 9  ? 3.686   6.629   -6.417  1.00 9.99  ? 21 C   B OP2   1 
ATOM   418 O "O5'" . C   B 1 9  ? 6.080   6.813   -6.902  1.00 11.48 ? 21 C   B "O5'" 1 
ATOM   419 C "C5'" . C   B 1 9  ? 7.316   7.489   -7.175  1.00 10.92 ? 21 C   B "C5'" 1 
ATOM   420 C "C4'" . C   B 1 9  ? 8.429   6.489   -7.253  1.00 9.01  ? 21 C   B "C4'" 1 
ATOM   421 O "O4'" . C   B 1 9  ? 8.655   5.954   -5.927  1.00 6.98  ? 21 C   B "O4'" 1 
ATOM   422 C "C3'" . C   B 1 9  ? 8.068   5.255   -8.048  1.00 10.72 ? 21 C   B "C3'" 1 
ATOM   423 O "O3'" . C   B 1 9  ? 8.125   5.430   -9.454  1.00 12.10 ? 21 C   B "O3'" 1 
ATOM   424 C "C2'" . C   B 1 9  ? 9.054   4.239   -7.506  1.00 12.52 ? 21 C   B "C2'" 1 
ATOM   425 O "O2'" . C   B 1 9  ? 10.362  4.411   -8.011  1.00 18.22 ? 21 C   B "O2'" 1 
ATOM   426 C "C1'" . C   B 1 9  ? 9.017   4.584   -6.020  1.00 10.06 ? 21 C   B "C1'" 1 
ATOM   427 N N1    . C   B 1 9  ? 8.028   3.768   -5.293  1.00 10.07 ? 21 C   B N1    1 
ATOM   428 C C2    . C   B 1 9  ? 8.438   2.537   -4.789  1.00 11.23 ? 21 C   B C2    1 
ATOM   429 O O2    . C   B 1 9  ? 9.606   2.186   -4.967  1.00 12.28 ? 21 C   B O2    1 
ATOM   430 N N3    . C   B 1 9  ? 7.554   1.756   -4.131  1.00 8.82  ? 21 C   B N3    1 
ATOM   431 C C4    . C   B 1 9  ? 6.302   2.167   -3.969  1.00 9.73  ? 21 C   B C4    1 
ATOM   432 N N4    . C   B 1 9  ? 5.474   1.376   -3.307  1.00 9.80  ? 21 C   B N4    1 
ATOM   433 C C5    . C   B 1 9  ? 5.845   3.415   -4.475  1.00 10.50 ? 21 C   B C5    1 
ATOM   434 C C6    . C   B 1 9  ? 6.739   4.184   -5.122  1.00 11.22 ? 21 C   B C6    1 
ATOM   435 P P     . G   B 1 10 ? 7.326   4.404   -10.389 1.00 12.49 ? 22 G   B P     1 
ATOM   436 O OP1   . G   B 1 10 ? 7.667   4.645   -11.802 1.00 14.08 ? 22 G   B OP1   1 
ATOM   437 O OP2   . G   B 1 10 ? 5.896   4.356   -9.981  1.00 12.00 ? 22 G   B OP2   1 
ATOM   438 O "O5'" . G   B 1 10 ? 7.989   3.044   -9.934  1.00 10.48 ? 22 G   B "O5'" 1 
ATOM   439 C "C5'" . G   B 1 10 ? 7.432   1.798   -10.295 1.00 11.04 ? 22 G   B "C5'" 1 
ATOM   440 C "C4'" . G   B 1 10 ? 8.172   0.707   -9.586  1.00 8.95  ? 22 G   B "C4'" 1 
ATOM   441 O "O4'" . G   B 1 10 ? 8.105   0.957   -8.162  1.00 8.88  ? 22 G   B "O4'" 1 
ATOM   442 C "C3'" . G   B 1 10 ? 7.576   -0.668  -9.752  1.00 9.51  ? 22 G   B "C3'" 1 
ATOM   443 O "O3'" . G   B 1 10 ? 8.018   -1.264  -10.957 1.00 9.80  ? 22 G   B "O3'" 1 
ATOM   444 C "C2'" . G   B 1 10 ? 8.099   -1.365  -8.510  1.00 9.04  ? 22 G   B "C2'" 1 
ATOM   445 O "O2'" . G   B 1 10 ? 9.470   -1.677  -8.623  1.00 12.46 ? 22 G   B "O2'" 1 
ATOM   446 C "C1'" . G   B 1 10 ? 7.915   -0.260  -7.475  1.00 6.07  ? 22 G   B "C1'" 1 
ATOM   447 N N9    . G   B 1 10 ? 6.575   -0.237  -6.911  1.00 3.41  ? 22 G   B N9    1 
ATOM   448 C C8    . G   B 1 10 ? 5.682   0.802   -6.942  1.00 3.89  ? 22 G   B C8    1 
ATOM   449 N N7    . G   B 1 10 ? 4.551   0.520   -6.358  1.00 5.59  ? 22 G   B N7    1 
ATOM   450 C C5    . G   B 1 10 ? 4.714   -0.787  -5.915  1.00 2.77  ? 22 G   B C5    1 
ATOM   451 C C6    . G   B 1 10 ? 3.820   -1.634  -5.238  1.00 5.17  ? 22 G   B C6    1 
ATOM   452 O O6    . G   B 1 10 ? 2.658   -1.397  -4.902  1.00 10.70 ? 22 G   B O6    1 
ATOM   453 N N1    . G   B 1 10 ? 4.382   -2.878  -4.968  1.00 3.24  ? 22 G   B N1    1 
ATOM   454 C C2    . G   B 1 10 ? 5.647   -3.253  -5.329  1.00 3.81  ? 22 G   B C2    1 
ATOM   455 N N2    . G   B 1 10 ? 6.021   -4.490  -4.981  1.00 2.59  ? 22 G   B N2    1 
ATOM   456 N N3    . G   B 1 10 ? 6.486   -2.476  -5.984  1.00 2.00  ? 22 G   B N3    1 
ATOM   457 C C4    . G   B 1 10 ? 5.956   -1.263  -6.241  1.00 3.00  ? 22 G   B C4    1 
ATOM   458 P P     . G   B 1 11 ? 6.969   -2.042  -11.872 1.00 7.70  ? 23 G   B P     1 
ATOM   459 O OP1   . G   B 1 11 ? 7.682   -2.476  -13.087 1.00 9.25  ? 23 G   B OP1   1 
ATOM   460 O OP2   . G   B 1 11 ? 5.764   -1.179  -11.982 1.00 4.90  ? 23 G   B OP2   1 
ATOM   461 O "O5'" . G   B 1 11 ? 6.626   -3.336  -11.019 1.00 8.22  ? 23 G   B "O5'" 1 
ATOM   462 C "C5'" . G   B 1 11 ? 7.660   -4.268  -10.689 1.00 8.96  ? 23 G   B "C5'" 1 
ATOM   463 C "C4'" . G   B 1 11 ? 7.112   -5.384  -9.843  1.00 10.86 ? 23 G   B "C4'" 1 
ATOM   464 O "O4'" . G   B 1 11 ? 6.647   -4.848  -8.585  1.00 10.35 ? 23 G   B "O4'" 1 
ATOM   465 C "C3'" . G   B 1 11 ? 5.894   -6.088  -10.401 1.00 13.34 ? 23 G   B "C3'" 1 
ATOM   466 O "O3'" . G   B 1 11 ? 6.259   -7.068  -11.366 1.00 14.09 ? 23 G   B "O3'" 1 
ATOM   467 C "C2'" . G   B 1 11 ? 5.296   -6.703  -9.141  1.00 13.09 ? 23 G   B "C2'" 1 
ATOM   468 O "O2'" . G   B 1 11 ? 6.007   -7.834  -8.673  1.00 15.61 ? 23 G   B "O2'" 1 
ATOM   469 C "C1'" . G   B 1 11 ? 5.510   -5.570  -8.150  1.00 9.74  ? 23 G   B "C1'" 1 
ATOM   470 N N9    . G   B 1 11 ? 4.386   -4.642  -8.094  1.00 7.69  ? 23 G   B N9    1 
ATOM   471 C C8    . G   B 1 11 ? 4.354   -3.353  -8.557  1.00 7.53  ? 23 G   B C8    1 
ATOM   472 N N7    . G   B 1 11 ? 3.214   -2.760  -8.327  1.00 9.98  ? 23 G   B N7    1 
ATOM   473 C C5    . G   B 1 11 ? 2.451   -3.722  -7.673  1.00 6.46  ? 23 G   B C5    1 
ATOM   474 C C6    . G   B 1 11 ? 1.135   -3.659  -7.166  1.00 7.45  ? 23 G   B C6    1 
ATOM   475 O O6    . G   B 1 11 ? 0.351   -2.695  -7.154  1.00 7.66  ? 23 G   B O6    1 
ATOM   476 N N1    . G   B 1 11 ? 0.746   -4.870  -6.615  1.00 5.21  ? 23 G   B N1    1 
ATOM   477 C C2    . G   B 1 11 ? 1.522   -5.984  -6.560  1.00 6.48  ? 23 G   B C2    1 
ATOM   478 N N2    . G   B 1 11 ? 0.942   -7.075  -6.050  1.00 10.84 ? 23 G   B N2    1 
ATOM   479 N N3    . G   B 1 11 ? 2.761   -6.043  -6.988  1.00 4.82  ? 23 G   B N3    1 
ATOM   480 C C4    . G   B 1 11 ? 3.156   -4.888  -7.537  1.00 5.00  ? 23 G   B C4    1 
ATOM   481 P P     . U   B 1 12 ? 5.374   -7.234  -12.686 1.00 11.72 ? 24 U   B P     1 
ATOM   482 O OP1   . U   B 1 12 ? 6.154   -7.995  -13.656 1.00 11.27 ? 24 U   B OP1   1 
ATOM   483 O OP2   . U   B 1 12 ? 4.879   -5.876  -13.037 1.00 15.36 ? 24 U   B OP2   1 
ATOM   484 O "O5'" . U   B 1 12 ? 4.113   -8.070  -12.196 1.00 12.68 ? 24 U   B "O5'" 1 
ATOM   485 C "C5'" . U   B 1 12 ? 4.254   -9.401  -11.708 1.00 11.70 ? 24 U   B "C5'" 1 
ATOM   486 C "C4'" . U   B 1 12 ? 2.951   -9.879  -11.132 1.00 9.22  ? 24 U   B "C4'" 1 
ATOM   487 O "O4'" . U   B 1 12 ? 2.599   -9.046  -10.004 1.00 8.97  ? 24 U   B "O4'" 1 
ATOM   488 C "C3'" . U   B 1 12 ? 1.747   -9.725  -12.030 1.00 8.55  ? 24 U   B "C3'" 1 
ATOM   489 O "O3'" . U   B 1 12 ? 1.715   -10.660 -13.075 1.00 14.19 ? 24 U   B "O3'" 1 
ATOM   490 C "C2'" . U   B 1 12 ? 0.618   -9.824  -11.024 1.00 9.17  ? 24 U   B "C2'" 1 
ATOM   491 O "O2'" . U   B 1 12 ? 0.423   -11.143 -10.557 1.00 11.68 ? 24 U   B "O2'" 1 
ATOM   492 C "C1'" . U   B 1 12 ? 1.190   -8.984  -9.888  1.00 6.61  ? 24 U   B "C1'" 1 
ATOM   493 N N1    . U   B 1 12 ? 0.818   -7.546  -9.874  1.00 5.06  ? 24 U   B N1    1 
ATOM   494 C C2    . U   B 1 12 ? -0.440  -7.253  -9.398  1.00 7.18  ? 24 U   B C2    1 
ATOM   495 O O2    . U   B 1 12 ? -1.151  -8.091  -8.876  1.00 11.93 ? 24 U   B O2    1 
ATOM   496 N N3    . U   B 1 12 ? -0.846  -5.954  -9.565  1.00 5.13  ? 24 U   B N3    1 
ATOM   497 C C4    . U   B 1 12 ? -0.134  -4.937  -10.143 1.00 2.63  ? 24 U   B C4    1 
ATOM   498 O O4    . U   B 1 12 ? -0.598  -3.800  -10.104 1.00 3.42  ? 24 U   B O4    1 
ATOM   499 C C5    . U   B 1 12 ? 1.162   -5.315  -10.635 1.00 2.00  ? 24 U   B C5    1 
ATOM   500 C C6    . U   B 1 12 ? 1.584   -6.579  -10.485 1.00 2.00  ? 24 U   B C6    1 
HETATM 501 O O     . HOH C 2 .  ? -5.114  5.561   -9.917  1.00 26.55 ? 25 HOH A O     1 
HETATM 502 O O     . HOH C 2 .  ? -11.234 -3.360  0.222   1.00 31.48 ? 26 HOH A O     1 
HETATM 503 O O     . HOH C 2 .  ? 1.715   -3.306  0.608   1.00 23.82 ? 27 HOH A O     1 
HETATM 504 O O     . HOH C 2 .  ? 3.768   0.515   7.310   1.00 35.49 ? 29 HOH A O     1 
HETATM 505 O O     . HOH C 2 .  ? 5.171   -0.921  5.032   1.00 37.36 ? 30 HOH A O     1 
HETATM 506 O O     . HOH C 2 .  ? 8.894   -0.784  -3.496  1.00 16.37 ? 36 HOH A O     1 
HETATM 507 O O     . HOH C 2 .  ? -11.514 4.666   -16.917 1.00 12.91 ? 41 HOH A O     1 
HETATM 508 O O     . HOH C 2 .  ? 9.250   2.606   -0.792  1.00 19.48 ? 42 HOH A O     1 
HETATM 509 O O     . HOH C 2 .  ? -3.056  1.043   -16.770 1.00 39.24 ? 44 HOH A O     1 
HETATM 510 O O     . HOH C 2 .  ? 11.531  4.445   0.422   1.00 45.43 ? 45 HOH A O     1 
HETATM 511 O O     . HOH C 2 .  ? -0.510  -1.610  1.217   1.00 42.98 ? 47 HOH A O     1 
HETATM 512 O O     . HOH C 2 .  ? 5.315   8.217   1.506   1.00 25.15 ? 49 HOH A O     1 
HETATM 513 O O     . HOH D 2 .  ? 5.267   -7.251  -4.089  1.00 9.70  ? 28 HOH B O     1 
HETATM 514 O O     . HOH D 2 .  ? 5.410   -1.998  18.372  1.00 38.15 ? 31 HOH B O     1 
HETATM 515 O O     . HOH D 2 .  ? -7.811  0.297   17.659  1.00 17.77 ? 32 HOH B O     1 
HETATM 516 O O     . HOH D 2 .  ? 1.310   3.867   -1.012  1.00 15.04 ? 33 HOH B O     1 
HETATM 517 O O     . HOH D 2 .  ? 2.235   2.437   -6.804  1.00 26.03 ? 34 HOH B O     1 
HETATM 518 O O     . HOH D 2 .  ? 9.813   7.820   -0.696  1.00 27.57 ? 35 HOH B O     1 
HETATM 519 O O     . HOH D 2 .  ? 2.891   0.115   -9.660  1.00 30.47 ? 37 HOH B O     1 
HETATM 520 O O     . HOH D 2 .  ? 2.633   1.903   -2.994  1.00 39.88 ? 38 HOH B O     1 
HETATM 521 O O     . HOH D 2 .  ? -3.757  2.704   1.633   1.00 30.03 ? 39 HOH B O     1 
HETATM 522 O O     . HOH D 2 .  ? -8.100  1.537   0.633   1.00 41.54 ? 40 HOH B O     1 
HETATM 523 O O     . HOH D 2 .  ? -1.763  -9.779  -6.565  1.00 23.12 ? 43 HOH B O     1 
HETATM 524 O O     . HOH D 2 .  ? -5.162  7.368   8.657   1.00 35.75 ? 46 HOH B O     1 
HETATM 525 O O     . HOH D 2 .  ? 4.907   -4.666  18.218  1.00 30.83 ? 48 HOH B O     1 
HETATM 526 O O     . HOH D 2 .  ? 0.461   -3.134  13.778  1.00 41.62 ? 50 HOH B O     1 
HETATM 527 O O     . HOH D 2 .  ? -8.713  -10.115 17.937  1.00 40.06 ? 51 HOH B O     1 
# 
